data_4DVR
#
_entry.id   4DVR
#
_cell.length_a   53.445
_cell.length_b   109.738
_cell.length_c   130.682
_cell.angle_alpha   90.00
_cell.angle_beta   90.00
_cell.angle_gamma   90.00
#
_symmetry.space_group_name_H-M   'P 21 21 21'
#
loop_
_entity.id
_entity.type
_entity.pdbx_description
1 polymer 'Envelope glycoprotein gp120'
2 polymer 'Fab 48d Light chain'
3 polymer 'Fab 48d Heavy chain'
4 non-polymer 2-acetamido-2-deoxy-beta-D-glucopyranose
5 non-polymer "N-(4-bromophenyl)-N'-(2,2,6,6-tetramethylpiperidin-4-yl)ethanediamide"
6 water water
#
loop_
_entity_poly.entity_id
_entity_poly.type
_entity_poly.pdbx_seq_one_letter_code
_entity_poly.pdbx_strand_id
1 'polypeptide(L)'
;EVKLENVTENFNMWKNNMVEQMHEDIISLWDQSLKPCVKLTGGSVITQACPKVSFEPIPIHYCAPAGFAILKCNDKKFNG
TGPCTNVSTVQCTHGIRPVVSTQLLLNGSLAEEEIVIRSENFTNNAKTIIVQLNESVVINCTRPNNGGSGSGGDIRQAHC
NLSKTQWENTLEQIAIKLKEQFGNNKTIIFNPSSGGDPEIVTHSFNCGGEFFYCNSTQLFTWNDTRKLNNTGRNITLPCR
IKQIINMWQEVGKAMYAPPIRGQIRCSSNITGLLLTRDGGKDTNGTEIFRPGGGDMRDNWRSELYKYKVVKIE
;
G
2 'polypeptide(L)'
;DIQMTQSPSSVSASVGDRVTITCRASQDISTWLAWYQQKPGKAPKLLIYAASTLQSGVPSRFSGSGSGTDFSLTINSLQP
EDFATYYCQQANSFFTFGGGTKVEIKRTVAAPSVFIFPPSDEQLKSGTASVVCLLNNFYPREAKVQWKVDNALQSGNSQE
SVTEQDSKDSTYSLSSTLTLSKADYEKHKLYACEVTHQGLSSPVTKSFNRGE
;
L
3 'polypeptide(L)'
;EVQLVQSGAEVKKPGATVKISCKASGYTFSDFYMYWVRQAPGKGLEWMGLIDPEDADTMYAEKFRGRVTITADTSTDTGY
LELSSLRSEDTAVYYCAADPWELNAFNVWGQGTLVSVSSASTKGPSVFPLAPSSKSTSGGTAALGCLVKDYFPEPVTVSW
NSGALTSGVHTFPAVLQSSGLYSLSSVVTVPSSSLGTQTYICNVNHKPSNTKVDKKVEP
;
H
#
loop_
_chem_comp.id
_chem_comp.type
_chem_comp.name
_chem_comp.formula
0LY non-polymer N-(4-bromophenyl)-N'-(2,2,6,6-tetramethylpiperidin-4-yl)ethanediamide 'C17 H24 Br N3 O2'
NAG D-saccharide, beta linking 2-acetamido-2-deoxy-beta-D-glucopyranose 'C8 H15 N O6'
#
# COMPACT_ATOMS: atom_id res chain seq x y z
N THR A 8 13.53 -6.02 60.07
CA THR A 8 14.20 -4.76 59.75
C THR A 8 15.26 -4.95 58.68
N GLU A 9 14.82 -5.13 57.44
CA GLU A 9 15.74 -5.32 56.32
C GLU A 9 15.73 -4.11 55.38
N ASN A 10 16.60 -4.15 54.38
CA ASN A 10 16.71 -3.06 53.43
C ASN A 10 15.93 -3.32 52.15
N PHE A 11 15.08 -2.37 51.77
CA PHE A 11 14.31 -2.47 50.53
C PHE A 11 14.90 -1.59 49.44
N ASN A 12 14.61 -1.94 48.19
CA ASN A 12 15.07 -1.17 47.05
C ASN A 12 14.21 -1.46 45.82
N MET A 13 13.56 -0.43 45.29
CA MET A 13 12.62 -0.60 44.20
C MET A 13 13.27 -0.52 42.82
N TRP A 14 14.43 0.13 42.75
CA TRP A 14 15.09 0.36 41.47
C TRP A 14 15.90 -0.83 40.99
N LYS A 15 16.61 -1.47 41.92
CA LYS A 15 17.38 -2.67 41.60
C LYS A 15 16.55 -3.92 41.91
N ASN A 16 15.26 -3.73 42.16
CA ASN A 16 14.36 -4.84 42.48
C ASN A 16 14.34 -5.89 41.38
N ASN A 17 14.21 -7.15 41.77
CA ASN A 17 14.23 -8.26 40.83
C ASN A 17 12.83 -8.67 40.38
N MET A 18 11.84 -8.37 41.21
CA MET A 18 10.45 -8.72 40.90
C MET A 18 9.93 -7.91 39.72
N VAL A 19 10.38 -6.67 39.61
CA VAL A 19 9.98 -5.80 38.50
C VAL A 19 10.31 -6.43 37.16
N GLU A 20 11.53 -6.94 37.04
CA GLU A 20 11.98 -7.59 35.82
C GLU A 20 11.27 -8.93 35.64
N GLN A 21 10.72 -9.44 36.73
CA GLN A 21 10.04 -10.73 36.72
C GLN A 21 8.71 -10.65 35.99
N MET A 22 7.91 -9.64 36.29
CA MET A 22 6.60 -9.49 35.68
C MET A 22 6.70 -8.83 34.31
N HIS A 23 7.77 -8.06 34.09
CA HIS A 23 8.00 -7.42 32.80
C HIS A 23 8.12 -8.48 31.71
N GLU A 24 8.82 -9.56 32.01
CA GLU A 24 8.95 -10.68 31.08
C GLU A 24 7.64 -11.44 30.97
N ASP A 25 6.81 -11.30 32.00
CA ASP A 25 5.51 -11.97 32.04
C ASP A 25 4.51 -11.27 31.14
N ILE A 26 4.48 -9.94 31.22
CA ILE A 26 3.57 -9.15 30.41
C ILE A 26 3.92 -9.25 28.92
N ILE A 27 5.22 -9.32 28.64
CA ILE A 27 5.67 -9.46 27.26
C ILE A 27 5.14 -10.76 26.66
N SER A 28 5.26 -11.85 27.39
CA SER A 28 4.78 -13.15 26.95
C SER A 28 3.26 -13.17 26.83
N LEU A 29 2.61 -12.26 27.54
CA LEU A 29 1.15 -12.17 27.53
C LEU A 29 0.65 -11.53 26.23
N TRP A 30 1.37 -10.52 25.78
CA TRP A 30 1.00 -9.81 24.55
C TRP A 30 1.24 -10.67 23.31
N ASP A 31 2.17 -11.61 23.41
CA ASP A 31 2.50 -12.48 22.29
C ASP A 31 1.46 -13.58 22.11
N GLN A 32 0.58 -13.73 23.09
CA GLN A 32 -0.43 -14.78 23.07
C GLN A 32 -1.80 -14.24 22.65
N SER A 33 -2.07 -13.00 23.02
CA SER A 33 -3.38 -12.40 22.77
C SER A 33 -3.34 -11.31 21.70
N LEU A 34 -2.39 -10.38 21.83
CA LEU A 34 -2.29 -9.26 20.90
C LEU A 34 -1.10 -9.42 19.96
N LYS A 35 -1.23 -10.31 18.98
CA LYS A 35 -0.16 -10.60 18.04
C LYS A 35 -0.18 -9.65 16.85
N PRO A 36 0.97 -9.00 16.58
CA PRO A 36 1.10 -8.06 15.46
C PRO A 36 0.98 -8.77 14.11
N CYS A 37 0.59 -8.02 13.09
CA CYS A 37 0.50 -8.56 11.73
C CYS A 37 1.82 -8.37 11.00
N VAL A 38 2.53 -7.29 11.33
CA VAL A 38 3.84 -7.03 10.76
C VAL A 38 4.80 -6.55 11.85
N LYS A 39 6.01 -7.11 11.86
CA LYS A 39 7.01 -6.76 12.87
C LYS A 39 8.33 -6.40 12.22
N LEU A 40 8.84 -5.22 12.53
CA LEU A 40 10.11 -4.74 11.98
C LEU A 40 11.15 -4.56 13.07
N THR A 41 12.09 -5.49 13.15
CA THR A 41 13.14 -5.44 14.17
C THR A 41 14.48 -5.92 13.63
N GLY A 42 15.49 -5.07 13.72
CA GLY A 42 16.83 -5.40 13.29
C GLY A 42 16.93 -5.65 11.79
N GLY A 43 16.33 -4.76 11.00
CA GLY A 43 16.36 -4.87 9.56
C GLY A 43 15.75 -6.15 9.05
N SER A 44 14.75 -6.66 9.76
CA SER A 44 14.07 -7.88 9.37
C SER A 44 12.56 -7.68 9.30
N VAL A 45 11.97 -8.08 8.18
CA VAL A 45 10.53 -7.95 7.99
C VAL A 45 9.81 -9.26 8.33
N ILE A 46 9.00 -9.23 9.37
CA ILE A 46 8.29 -10.42 9.82
C ILE A 46 6.78 -10.25 9.73
N THR A 47 6.12 -11.20 9.07
CA THR A 47 4.67 -11.17 8.94
C THR A 47 4.06 -12.47 9.46
N GLN A 48 2.87 -12.36 10.06
CA GLN A 48 2.20 -13.52 10.64
C GLN A 48 0.70 -13.28 10.78
N ALA A 49 0.01 -14.22 11.42
CA ALA A 49 -1.42 -14.07 11.66
C ALA A 49 -1.68 -12.96 12.68
N CYS A 50 -2.77 -12.24 12.51
CA CYS A 50 -3.07 -11.10 13.36
C CYS A 50 -4.52 -11.09 13.82
N PRO A 51 -4.90 -12.08 14.65
CA PRO A 51 -6.26 -12.21 15.17
C PRO A 51 -6.72 -10.99 15.96
N LYS A 52 -8.02 -10.74 15.98
CA LYS A 52 -8.59 -9.60 16.69
C LYS A 52 -9.09 -10.00 18.07
N VAL A 53 -8.20 -10.03 19.04
CA VAL A 53 -8.56 -10.40 20.40
C VAL A 53 -8.65 -9.18 21.31
N SER A 54 -9.76 -9.06 22.01
CA SER A 54 -9.96 -7.93 22.91
C SER A 54 -9.10 -8.06 24.16
N PHE A 55 -8.50 -6.94 24.56
CA PHE A 55 -7.64 -6.93 25.73
C PHE A 55 -8.40 -6.54 26.98
N GLU A 56 -8.74 -7.53 27.80
CA GLU A 56 -9.46 -7.29 29.04
C GLU A 56 -8.60 -7.60 30.26
N PRO A 57 -7.97 -6.57 30.84
CA PRO A 57 -7.06 -6.71 31.98
C PRO A 57 -7.69 -7.44 33.15
N ILE A 58 -6.90 -8.27 33.82
CA ILE A 58 -7.35 -8.97 35.02
C ILE A 58 -6.24 -8.96 36.07
N PRO A 59 -6.61 -8.66 37.32
CA PRO A 59 -5.67 -8.57 38.43
C PRO A 59 -4.77 -9.79 38.53
N ILE A 60 -3.46 -9.58 38.44
CA ILE A 60 -2.49 -10.67 38.52
C ILE A 60 -1.79 -10.67 39.88
N HIS A 61 -1.88 -11.80 40.58
CA HIS A 61 -1.22 -11.94 41.88
C HIS A 61 0.09 -12.69 41.74
N TYR A 62 1.20 -12.00 42.01
CA TYR A 62 2.51 -12.60 41.92
C TYR A 62 2.92 -13.25 43.23
N CYS A 63 3.12 -14.56 43.19
CA CYS A 63 3.47 -15.33 44.39
C CYS A 63 4.93 -15.73 44.38
N ALA A 64 5.38 -16.31 45.49
CA ALA A 64 6.77 -16.75 45.63
C ALA A 64 6.92 -18.24 45.33
N PRO A 65 7.94 -18.60 44.54
CA PRO A 65 8.24 -19.98 44.19
C PRO A 65 8.59 -20.83 45.40
N ALA A 66 8.79 -22.13 45.19
CA ALA A 66 9.13 -23.04 46.28
C ALA A 66 10.54 -22.76 46.80
N GLY A 67 10.65 -22.57 48.11
CA GLY A 67 11.94 -22.28 48.73
C GLY A 67 12.23 -20.80 48.81
N PHE A 68 11.19 -19.98 48.62
CA PHE A 68 11.35 -18.54 48.67
C PHE A 68 10.19 -17.88 49.42
N ALA A 69 10.31 -16.59 49.66
CA ALA A 69 9.27 -15.85 50.37
C ALA A 69 9.24 -14.38 49.93
N ILE A 70 8.09 -13.74 50.12
CA ILE A 70 7.92 -12.34 49.74
C ILE A 70 7.77 -11.45 50.98
N LEU A 71 8.71 -10.54 51.15
CA LEU A 71 8.67 -9.59 52.27
C LEU A 71 7.93 -8.32 51.87
N LYS A 72 7.10 -7.82 52.77
CA LYS A 72 6.32 -6.61 52.52
C LYS A 72 6.61 -5.51 53.53
N CYS A 73 6.89 -4.31 53.04
CA CYS A 73 7.16 -3.17 53.91
C CYS A 73 5.88 -2.36 54.13
N ASN A 74 5.59 -2.05 55.39
CA ASN A 74 4.39 -1.30 55.73
C ASN A 74 4.71 0.09 56.27
N ASP A 75 5.31 0.92 55.43
CA ASP A 75 5.66 2.29 55.82
C ASP A 75 4.76 3.29 55.12
N LYS A 76 4.11 4.14 55.90
CA LYS A 76 3.18 5.13 55.35
C LYS A 76 3.86 6.14 54.43
N LYS A 77 5.15 6.33 54.62
CA LYS A 77 5.91 7.28 53.80
C LYS A 77 7.30 6.72 53.48
N PHE A 78 7.32 5.59 52.78
CA PHE A 78 8.57 4.93 52.44
C PHE A 78 8.99 5.27 51.02
N ASN A 79 10.17 5.89 50.88
CA ASN A 79 10.63 6.35 49.58
C ASN A 79 11.11 5.24 48.65
N GLY A 80 11.13 4.02 49.17
CA GLY A 80 11.49 2.86 48.38
C GLY A 80 12.94 2.45 48.49
N THR A 81 13.71 3.20 49.27
CA THR A 81 15.12 2.91 49.48
C THR A 81 15.53 3.14 50.93
N GLY A 82 15.93 2.07 51.60
CA GLY A 82 16.36 2.16 52.98
C GLY A 82 15.73 1.10 53.87
N PRO A 83 16.20 1.01 55.12
CA PRO A 83 15.71 0.03 56.10
C PRO A 83 14.25 0.27 56.48
N CYS A 84 13.44 -0.77 56.39
CA CYS A 84 12.03 -0.68 56.79
C CYS A 84 11.84 -1.26 58.19
N THR A 85 11.14 -0.51 59.04
CA THR A 85 10.92 -0.93 60.42
C THR A 85 9.67 -1.79 60.55
N ASN A 86 8.72 -1.61 59.64
CA ASN A 86 7.49 -2.37 59.67
C ASN A 86 7.43 -3.38 58.53
N VAL A 87 8.11 -4.50 58.71
CA VAL A 87 8.19 -5.53 57.68
C VAL A 87 7.20 -6.66 57.93
N SER A 88 6.51 -7.08 56.88
CA SER A 88 5.54 -8.17 56.98
C SER A 88 5.81 -9.25 55.95
N THR A 89 5.58 -10.51 56.34
CA THR A 89 5.78 -11.64 55.44
C THR A 89 4.46 -12.08 54.84
N VAL A 90 4.36 -12.00 53.51
CA VAL A 90 3.14 -12.37 52.80
C VAL A 90 3.37 -13.51 51.84
N GLN A 91 2.28 -14.12 51.38
CA GLN A 91 2.34 -15.22 50.43
C GLN A 91 2.40 -14.70 49.00
N CYS A 92 1.47 -13.81 48.66
CA CYS A 92 1.40 -13.24 47.34
C CYS A 92 1.14 -11.74 47.40
N THR A 93 1.53 -11.02 46.35
CA THR A 93 1.28 -9.59 46.27
C THR A 93 -0.19 -9.32 46.02
N HIS A 94 -0.57 -8.05 46.08
CA HIS A 94 -1.94 -7.65 45.81
C HIS A 94 -2.23 -7.72 44.31
N GLY A 95 -3.51 -7.77 43.96
CA GLY A 95 -3.91 -7.83 42.57
C GLY A 95 -3.39 -6.65 41.77
N ILE A 96 -2.43 -6.92 40.88
CA ILE A 96 -1.85 -5.87 40.04
C ILE A 96 -2.41 -5.95 38.62
N ARG A 97 -3.06 -4.86 38.20
CA ARG A 97 -3.67 -4.80 36.87
C ARG A 97 -2.65 -4.32 35.83
N PRO A 98 -2.13 -5.26 35.02
CA PRO A 98 -1.11 -5.00 34.01
C PRO A 98 -1.58 -3.99 32.97
N VAL A 99 -1.49 -2.70 33.30
CA VAL A 99 -1.92 -1.65 32.39
C VAL A 99 -0.73 -0.96 31.72
N VAL A 100 -0.50 -1.31 30.45
CA VAL A 100 0.58 -0.70 29.67
C VAL A 100 0.16 0.68 29.18
N SER A 101 0.90 1.70 29.61
CA SER A 101 0.58 3.08 29.23
C SER A 101 1.76 4.00 29.46
N THR A 102 1.59 5.27 29.10
CA THR A 102 2.62 6.27 29.30
C THR A 102 2.02 7.51 29.97
N GLN A 103 2.88 8.36 30.52
CA GLN A 103 2.44 9.59 31.16
C GLN A 103 1.57 9.35 32.38
N LEU A 104 0.43 8.69 32.19
CA LEU A 104 -0.51 8.45 33.28
C LEU A 104 -0.54 6.98 33.69
N LEU A 105 -0.57 6.74 35.00
CA LEU A 105 -0.71 5.39 35.54
C LEU A 105 -2.19 5.11 35.79
N LEU A 106 -2.69 4.02 35.19
CA LEU A 106 -4.11 3.70 35.27
C LEU A 106 -4.38 2.47 36.14
N ASN A 107 -5.49 2.51 36.87
CA ASN A 107 -5.94 1.37 37.66
C ASN A 107 -4.90 0.86 38.65
N GLY A 108 -4.01 1.75 39.08
CA GLY A 108 -2.97 1.38 40.03
C GLY A 108 -3.43 1.49 41.47
N SER A 109 -2.50 1.30 42.40
CA SER A 109 -2.81 1.40 43.82
C SER A 109 -2.56 2.81 44.33
N LEU A 110 -3.46 3.32 45.17
CA LEU A 110 -3.34 4.66 45.71
C LEU A 110 -2.44 4.69 46.95
N ALA A 111 -2.10 5.90 47.39
CA ALA A 111 -1.30 6.08 48.59
C ALA A 111 -2.17 5.99 49.84
N GLU A 112 -1.60 5.47 50.91
CA GLU A 112 -2.34 5.29 52.16
C GLU A 112 -2.77 6.63 52.78
N GLU A 113 -1.80 7.50 53.04
CA GLU A 113 -2.09 8.80 53.62
C GLU A 113 -2.15 9.90 52.58
N GLU A 114 -0.99 10.39 52.15
CA GLU A 114 -0.93 11.48 51.20
C GLU A 114 -0.05 11.15 50.00
N ILE A 115 0.01 12.08 49.04
CA ILE A 115 0.81 11.88 47.83
C ILE A 115 2.27 11.63 48.16
N VAL A 116 2.91 10.74 47.40
CA VAL A 116 4.31 10.39 47.63
C VAL A 116 5.09 10.35 46.32
N ILE A 117 5.96 11.33 46.12
CA ILE A 117 6.81 11.38 44.94
C ILE A 117 8.09 10.58 45.18
N ARG A 118 8.38 9.65 44.27
CA ARG A 118 9.53 8.77 44.42
C ARG A 118 10.50 8.92 43.25
N SER A 119 11.79 8.79 43.54
CA SER A 119 12.82 8.89 42.51
C SER A 119 14.12 8.23 42.97
N GLU A 120 14.83 7.62 42.02
CA GLU A 120 16.09 6.96 42.32
C GLU A 120 17.18 7.98 42.61
N ASN A 121 16.98 9.20 42.13
CA ASN A 121 17.95 10.28 42.31
C ASN A 121 17.38 11.62 41.90
N PHE A 122 16.73 12.30 42.85
CA PHE A 122 16.09 13.59 42.58
C PHE A 122 17.05 14.60 41.96
N THR A 123 18.30 14.59 42.41
CA THR A 123 19.30 15.51 41.90
C THR A 123 19.55 15.28 40.40
N ASN A 124 19.38 14.04 39.97
CA ASN A 124 19.56 13.70 38.56
C ASN A 124 18.29 13.94 37.76
N ASN A 125 18.39 14.78 36.74
CA ASN A 125 17.24 15.13 35.91
C ASN A 125 16.91 14.03 34.90
N ALA A 126 17.82 13.08 34.73
CA ALA A 126 17.63 12.00 33.77
C ALA A 126 16.77 10.89 34.35
N LYS A 127 16.78 10.77 35.67
CA LYS A 127 15.99 9.72 36.34
C LYS A 127 14.52 10.09 36.37
N THR A 128 13.67 9.11 36.06
CA THR A 128 12.23 9.33 36.03
C THR A 128 11.65 9.50 37.43
N ILE A 129 10.66 10.39 37.56
CA ILE A 129 9.99 10.61 38.83
C ILE A 129 8.62 9.94 38.83
N ILE A 130 8.37 9.09 39.82
CA ILE A 130 7.09 8.39 39.93
C ILE A 130 6.20 9.00 41.00
N VAL A 131 5.03 9.47 40.57
CA VAL A 131 4.09 10.11 41.48
C VAL A 131 2.94 9.18 41.83
N GLN A 132 2.62 9.08 43.12
CA GLN A 132 1.51 8.25 43.57
C GLN A 132 0.46 9.08 44.29
N LEU A 133 -0.74 9.13 43.72
CA LEU A 133 -1.83 9.91 44.29
C LEU A 133 -2.51 9.17 45.44
N ASN A 134 -3.08 9.93 46.37
CA ASN A 134 -3.85 9.33 47.46
C ASN A 134 -5.34 9.42 47.16
N GLU A 135 -5.67 9.78 45.93
CA GLU A 135 -7.06 9.84 45.48
C GLU A 135 -7.11 9.83 43.96
N SER A 136 -7.81 8.86 43.40
CA SER A 136 -7.84 8.67 41.96
C SER A 136 -8.76 9.65 41.25
N VAL A 137 -8.41 9.99 40.01
CA VAL A 137 -9.24 10.86 39.18
C VAL A 137 -9.77 10.08 37.98
N VAL A 138 -11.08 9.85 37.96
CA VAL A 138 -11.70 9.07 36.90
C VAL A 138 -11.57 9.73 35.53
N ILE A 139 -11.23 8.92 34.53
CA ILE A 139 -11.11 9.41 33.16
C ILE A 139 -11.78 8.44 32.19
N ASN A 140 -12.77 8.93 31.45
CA ASN A 140 -13.51 8.10 30.50
C ASN A 140 -13.04 8.29 29.06
N CYS A 141 -12.44 7.24 28.50
CA CYS A 141 -12.00 7.25 27.12
C CYS A 141 -12.87 6.33 26.28
N THR A 142 -13.78 6.92 25.50
CA THR A 142 -14.69 6.15 24.67
C THR A 142 -14.41 6.34 23.19
N ARG A 143 -14.99 5.47 22.37
CA ARG A 143 -14.86 5.58 20.93
C ARG A 143 -16.23 5.48 20.27
N PRO A 144 -16.69 6.59 19.68
CA PRO A 144 -18.02 6.70 19.07
C PRO A 144 -18.44 5.45 18.31
N ASN A 145 -19.70 5.06 18.47
CA ASN A 145 -20.23 3.88 17.80
C ASN A 145 -20.40 4.09 16.30
N ASN A 146 -20.70 3.01 15.59
CA ASN A 146 -20.89 3.07 14.15
C ASN A 146 -22.00 4.04 13.74
N GLY A 153 -18.36 9.57 10.12
CA GLY A 153 -17.40 10.30 10.91
C GLY A 153 -15.98 9.78 10.72
N ASP A 154 -15.50 9.03 11.70
CA ASP A 154 -14.16 8.47 11.65
C ASP A 154 -14.01 7.34 12.66
N ILE A 155 -13.48 6.21 12.21
CA ILE A 155 -13.34 5.04 13.08
C ILE A 155 -12.11 5.12 13.97
N ARG A 156 -11.13 5.92 13.56
CA ARG A 156 -9.89 6.05 14.32
C ARG A 156 -9.90 7.26 15.25
N GLN A 157 -11.05 7.93 15.34
CA GLN A 157 -11.17 9.10 16.21
C GLN A 157 -11.78 8.72 17.55
N ALA A 158 -11.24 9.29 18.63
CA ALA A 158 -11.74 9.02 19.97
C ALA A 158 -11.59 10.26 20.85
N HIS A 159 -12.01 10.15 22.10
CA HIS A 159 -11.91 11.26 23.04
C HIS A 159 -11.98 10.79 24.49
N CYS A 160 -11.44 11.59 25.40
CA CYS A 160 -11.49 11.26 26.82
C CYS A 160 -12.04 12.44 27.63
N ASN A 161 -12.75 12.12 28.71
CA ASN A 161 -13.34 13.14 29.56
C ASN A 161 -12.98 12.96 31.03
N LEU A 162 -12.69 14.07 31.70
CA LEU A 162 -12.40 14.05 33.13
C LEU A 162 -12.74 15.41 33.75
N SER A 163 -12.76 15.46 35.07
CA SER A 163 -13.07 16.69 35.79
C SER A 163 -11.92 17.68 35.74
N LYS A 164 -12.21 18.88 35.26
CA LYS A 164 -11.20 19.94 35.20
C LYS A 164 -10.76 20.34 36.60
N THR A 165 -11.74 20.69 37.45
CA THR A 165 -11.46 21.12 38.81
C THR A 165 -10.72 20.06 39.61
N GLN A 166 -11.12 18.80 39.46
CA GLN A 166 -10.49 17.71 40.18
C GLN A 166 -9.05 17.51 39.72
N TRP A 167 -8.79 17.78 38.45
CA TRP A 167 -7.45 17.65 37.90
C TRP A 167 -6.57 18.83 38.33
N GLU A 168 -7.20 19.97 38.58
CA GLU A 168 -6.49 21.14 39.05
C GLU A 168 -5.90 20.91 40.43
N ASN A 169 -6.73 20.41 41.35
CA ASN A 169 -6.27 20.09 42.69
C ASN A 169 -5.09 19.13 42.68
N THR A 170 -5.17 18.11 41.84
CA THR A 170 -4.10 17.12 41.72
C THR A 170 -2.78 17.79 41.42
N LEU A 171 -2.76 18.62 40.39
CA LEU A 171 -1.55 19.35 40.00
C LEU A 171 -1.05 20.22 41.15
N GLU A 172 -1.98 20.89 41.82
CA GLU A 172 -1.63 21.76 42.94
C GLU A 172 -0.98 20.96 44.07
N GLN A 173 -1.61 19.86 44.45
CA GLN A 173 -1.11 19.02 45.53
C GLN A 173 0.26 18.44 45.19
N ILE A 174 0.45 18.07 43.93
CA ILE A 174 1.71 17.50 43.47
C ILE A 174 2.82 18.55 43.51
N ALA A 175 2.51 19.75 43.03
CA ALA A 175 3.47 20.85 43.01
C ALA A 175 3.94 21.17 44.42
N ILE A 176 3.07 20.97 45.40
CA ILE A 176 3.42 21.21 46.80
C ILE A 176 4.47 20.21 47.28
N LYS A 177 4.30 18.96 46.88
CA LYS A 177 5.26 17.91 47.24
C LYS A 177 6.59 18.12 46.53
N LEU A 178 6.53 18.64 45.31
CA LEU A 178 7.73 18.90 44.53
C LEU A 178 8.62 19.94 45.21
N LYS A 179 8.03 21.07 45.57
CA LYS A 179 8.77 22.13 46.24
C LYS A 179 9.19 21.70 47.65
N GLU A 180 8.41 20.80 48.24
CA GLU A 180 8.70 20.29 49.58
C GLU A 180 9.97 19.45 49.56
N GLN A 181 10.44 19.10 48.35
CA GLN A 181 11.63 18.29 48.21
C GLN A 181 12.74 19.07 47.52
N PHE A 182 12.36 19.99 46.64
CA PHE A 182 13.34 20.81 45.91
C PHE A 182 13.48 22.21 46.50
N GLY A 183 12.92 22.41 47.69
CA GLY A 183 13.00 23.71 48.35
C GLY A 183 11.75 24.55 48.13
N ASN A 184 11.32 25.23 49.18
CA ASN A 184 10.12 26.05 49.13
C ASN A 184 10.21 27.18 48.10
N ASN A 185 11.28 27.95 48.17
CA ASN A 185 11.47 29.09 47.29
C ASN A 185 11.77 28.70 45.84
N LYS A 186 10.78 28.10 45.18
CA LYS A 186 10.92 27.73 43.77
C LYS A 186 9.57 27.71 43.07
N THR A 187 9.59 27.89 41.75
CA THR A 187 8.38 27.91 40.95
C THR A 187 8.24 26.62 40.14
N ILE A 188 7.15 25.90 40.37
CA ILE A 188 6.90 24.65 39.67
C ILE A 188 5.93 24.85 38.50
N ILE A 189 6.41 24.57 37.29
CA ILE A 189 5.59 24.73 36.10
C ILE A 189 5.55 23.44 35.28
N PHE A 190 4.36 23.07 34.81
CA PHE A 190 4.19 21.87 34.01
C PHE A 190 4.08 22.21 32.53
N ASN A 191 4.86 21.51 31.70
CA ASN A 191 4.82 21.69 30.26
C ASN A 191 4.74 20.36 29.52
N PRO A 192 4.02 20.35 28.39
CA PRO A 192 3.86 19.14 27.56
C PRO A 192 5.22 18.58 27.14
N SER A 193 5.23 17.35 26.65
CA SER A 193 6.46 16.71 26.21
C SER A 193 7.16 17.55 25.15
N SER A 194 8.48 17.66 25.25
CA SER A 194 9.27 18.43 24.29
C SER A 194 9.25 17.77 22.93
N GLY A 195 9.32 16.45 22.90
CA GLY A 195 9.31 15.70 21.66
C GLY A 195 9.41 14.20 21.88
N GLY A 196 9.67 13.47 20.81
CA GLY A 196 9.81 12.02 20.89
C GLY A 196 8.74 11.28 20.10
N ASP A 197 8.67 9.97 20.31
CA ASP A 197 7.70 9.13 19.62
C ASP A 197 6.27 9.48 20.03
N PRO A 198 5.30 9.19 19.16
CA PRO A 198 3.89 9.46 19.43
C PRO A 198 3.42 8.86 20.75
N GLU A 199 3.99 7.72 21.11
CA GLU A 199 3.60 7.04 22.35
C GLU A 199 4.06 7.81 23.58
N ILE A 200 5.14 8.56 23.43
CA ILE A 200 5.72 9.29 24.55
C ILE A 200 5.16 10.71 24.66
N VAL A 201 4.98 11.36 23.53
CA VAL A 201 4.46 12.73 23.50
C VAL A 201 3.00 12.80 23.94
N THR A 202 2.25 11.75 23.64
CA THR A 202 0.84 11.69 24.01
C THR A 202 0.60 10.59 25.05
N HIS A 203 -0.57 10.65 25.69
CA HIS A 203 -0.96 9.61 26.63
C HIS A 203 -1.47 8.38 25.86
N SER A 204 -0.58 7.39 25.71
CA SER A 204 -0.91 6.20 24.93
C SER A 204 -1.25 5.01 25.82
N PHE A 205 -2.16 4.17 25.35
CA PHE A 205 -2.58 2.99 26.09
C PHE A 205 -3.41 2.07 25.21
N ASN A 206 -3.63 0.85 25.67
CA ASN A 206 -4.42 -0.12 24.92
C ASN A 206 -5.80 -0.34 25.54
N CYS A 207 -6.84 -0.18 24.72
CA CYS A 207 -8.21 -0.37 25.19
C CYS A 207 -9.06 -1.07 24.14
N GLY A 208 -9.65 -2.19 24.53
CA GLY A 208 -10.48 -2.96 23.63
C GLY A 208 -9.69 -3.54 22.47
N GLY A 209 -8.39 -3.71 22.67
CA GLY A 209 -7.52 -4.26 21.65
C GLY A 209 -6.99 -3.20 20.71
N GLU A 210 -7.40 -1.96 20.92
CA GLU A 210 -6.96 -0.85 20.07
C GLU A 210 -6.00 0.07 20.81
N PHE A 211 -5.06 0.65 20.07
CA PHE A 211 -4.07 1.55 20.65
C PHE A 211 -4.50 3.01 20.56
N PHE A 212 -4.66 3.63 21.73
CA PHE A 212 -5.10 5.02 21.78
C PHE A 212 -3.95 5.99 21.99
N TYR A 213 -4.01 7.13 21.30
CA TYR A 213 -3.01 8.18 21.43
C TYR A 213 -3.71 9.50 21.73
N CYS A 214 -3.87 9.79 23.02
CA CYS A 214 -4.62 10.97 23.44
C CYS A 214 -3.72 12.19 23.63
N ASN A 215 -4.18 13.33 23.11
CA ASN A 215 -3.44 14.58 23.24
C ASN A 215 -3.51 15.11 24.68
N SER A 216 -2.34 15.28 25.30
CA SER A 216 -2.28 15.69 26.70
C SER A 216 -1.65 17.06 26.90
N THR A 217 -2.26 18.08 26.31
CA THR A 217 -1.75 19.44 26.43
C THR A 217 -2.50 20.25 27.49
N GLN A 218 -3.76 19.86 27.72
CA GLN A 218 -4.57 20.56 28.71
C GLN A 218 -4.28 20.06 30.12
N LEU A 219 -3.71 18.87 30.22
CA LEU A 219 -3.40 18.30 31.53
C LEU A 219 -2.07 18.79 32.08
N PHE A 220 -1.15 19.15 31.19
CA PHE A 220 0.19 19.51 31.59
C PHE A 220 0.58 20.92 31.14
N THR A 221 -0.32 21.86 31.33
CA THR A 221 -0.05 23.27 31.04
C THR A 221 -0.55 24.11 32.21
N TRP A 222 0.14 23.99 33.34
CA TRP A 222 -0.31 24.60 34.59
C TRP A 222 0.69 25.61 35.13
N ASN A 223 0.17 26.66 35.77
CA ASN A 223 1.01 27.70 36.35
C ASN A 223 0.59 28.02 37.78
N ASP A 224 1.53 28.50 38.59
CA ASP A 224 1.26 28.82 39.98
C ASP A 224 0.22 29.94 40.11
N THR A 225 0.25 30.88 39.17
CA THR A 225 -0.68 32.00 39.18
C THR A 225 -1.66 31.92 38.01
N ARG A 233 -15.72 23.11 33.28
CA ARG A 233 -16.21 22.08 34.18
C ARG A 233 -15.41 20.80 34.01
N ASN A 234 -15.29 20.33 32.78
CA ASN A 234 -14.53 19.12 32.47
C ASN A 234 -13.55 19.33 31.33
N ILE A 235 -12.72 18.33 31.08
CA ILE A 235 -11.72 18.40 30.03
C ILE A 235 -11.91 17.30 29.00
N THR A 236 -12.01 17.70 27.73
CA THR A 236 -12.16 16.74 26.63
C THR A 236 -10.85 16.58 25.89
N LEU A 237 -10.34 15.34 25.88
CA LEU A 237 -9.07 15.04 25.21
C LEU A 237 -9.30 14.33 23.88
N PRO A 238 -8.87 14.96 22.78
CA PRO A 238 -8.96 14.35 21.44
C PRO A 238 -7.94 13.23 21.27
N CYS A 239 -8.42 12.04 20.93
CA CYS A 239 -7.54 10.89 20.78
C CYS A 239 -7.68 10.26 19.40
N ARG A 240 -6.69 9.43 19.03
CA ARG A 240 -6.70 8.74 17.74
C ARG A 240 -6.21 7.31 17.90
N ILE A 241 -6.67 6.44 17.00
CA ILE A 241 -6.27 5.03 17.02
C ILE A 241 -5.30 4.74 15.86
N LYS A 242 -4.15 4.16 16.18
CA LYS A 242 -3.14 3.85 15.17
C LYS A 242 -2.98 2.36 14.96
N GLN A 243 -2.35 2.00 13.84
CA GLN A 243 -2.05 0.61 13.53
C GLN A 243 -0.54 0.38 13.54
N ILE A 244 0.20 1.44 13.27
CA ILE A 244 1.66 1.40 13.30
C ILE A 244 2.17 2.00 14.60
N ILE A 245 2.74 1.16 15.46
CA ILE A 245 3.19 1.61 16.77
C ILE A 245 4.64 1.21 17.04
N ASN A 246 5.29 1.97 17.92
CA ASN A 246 6.65 1.65 18.35
C ASN A 246 6.60 0.70 19.54
N MET A 247 7.01 -0.55 19.32
CA MET A 247 6.93 -1.58 20.34
C MET A 247 7.56 -1.14 21.66
N TRP A 248 6.93 -1.52 22.76
CA TRP A 248 7.45 -1.21 24.09
C TRP A 248 8.28 -2.37 24.64
N GLN A 249 8.00 -3.58 24.14
CA GLN A 249 8.73 -4.77 24.58
C GLN A 249 10.19 -4.69 24.17
N GLU A 250 10.45 -4.12 23.00
CA GLU A 250 11.81 -4.02 22.48
C GLU A 250 11.90 -2.91 21.44
N VAL A 251 13.04 -2.88 20.73
CA VAL A 251 13.26 -1.86 19.71
C VAL A 251 12.75 -2.31 18.35
N GLY A 252 11.85 -1.51 17.77
CA GLY A 252 11.30 -1.83 16.47
C GLY A 252 9.86 -1.37 16.30
N LYS A 253 9.34 -1.51 15.09
CA LYS A 253 7.97 -1.13 14.80
C LYS A 253 7.09 -2.34 14.53
N ALA A 254 5.79 -2.17 14.71
CA ALA A 254 4.82 -3.24 14.46
C ALA A 254 3.53 -2.67 13.90
N MET A 255 2.87 -3.43 13.03
CA MET A 255 1.62 -3.00 12.43
C MET A 255 0.51 -4.01 12.73
N TYR A 256 -0.52 -3.56 13.45
CA TYR A 256 -1.64 -4.42 13.81
C TYR A 256 -2.79 -4.30 12.83
N ALA A 257 -3.80 -5.14 13.01
CA ALA A 257 -4.95 -5.20 12.10
C ALA A 257 -5.87 -4.00 12.28
N PRO A 258 -6.75 -3.77 11.28
CA PRO A 258 -7.72 -2.67 11.30
C PRO A 258 -8.58 -2.69 12.56
N PRO A 259 -9.01 -1.50 13.02
CA PRO A 259 -9.85 -1.34 14.21
C PRO A 259 -11.23 -1.96 14.04
N ILE A 260 -11.83 -2.37 15.15
CA ILE A 260 -13.19 -2.91 15.13
C ILE A 260 -14.21 -1.79 15.05
N ARG A 261 -15.40 -2.11 14.54
CA ARG A 261 -16.43 -1.10 14.30
C ARG A 261 -17.33 -0.89 15.51
N GLY A 262 -17.30 -1.83 16.44
CA GLY A 262 -18.12 -1.74 17.64
C GLY A 262 -17.70 -0.62 18.56
N GLN A 263 -18.54 -0.29 19.52
CA GLN A 263 -18.24 0.77 20.49
C GLN A 263 -17.15 0.33 21.47
N ILE A 264 -16.18 1.20 21.69
CA ILE A 264 -15.08 0.91 22.61
C ILE A 264 -15.06 1.89 23.77
N ARG A 265 -15.36 1.39 24.97
CA ARG A 265 -15.40 2.23 26.16
C ARG A 265 -14.51 1.67 27.27
N CYS A 266 -13.82 2.56 27.97
CA CYS A 266 -12.96 2.16 29.07
C CYS A 266 -12.86 3.26 30.13
N SER A 267 -13.49 3.03 31.26
CA SER A 267 -13.41 3.96 32.39
C SER A 267 -12.34 3.48 33.36
N SER A 268 -11.34 4.30 33.60
CA SER A 268 -10.22 3.91 34.46
C SER A 268 -9.85 5.00 35.46
N ASN A 269 -9.18 4.59 36.53
CA ASN A 269 -8.74 5.51 37.57
C ASN A 269 -7.28 5.94 37.41
N ILE A 270 -7.05 7.25 37.45
CA ILE A 270 -5.69 7.78 37.43
C ILE A 270 -5.14 7.75 38.85
N THR A 271 -4.19 6.85 39.11
CA THR A 271 -3.66 6.66 40.45
C THR A 271 -2.23 7.16 40.60
N GLY A 272 -1.63 7.57 39.49
CA GLY A 272 -0.27 8.05 39.51
C GLY A 272 0.18 8.65 38.18
N LEU A 273 1.36 9.24 38.16
CA LEU A 273 1.90 9.85 36.96
C LEU A 273 3.40 9.57 36.81
N LEU A 274 3.93 9.84 35.63
CA LEU A 274 5.36 9.70 35.38
C LEU A 274 5.92 11.02 34.86
N LEU A 275 6.65 11.73 35.72
CA LEU A 275 7.18 13.04 35.38
C LEU A 275 8.67 13.00 35.08
N THR A 276 9.13 13.97 34.30
CA THR A 276 10.55 14.08 33.96
C THR A 276 10.95 15.55 33.86
N ARG A 277 11.90 15.95 34.71
CA ARG A 277 12.35 17.33 34.75
C ARG A 277 13.58 17.54 33.87
N ASP A 278 13.76 18.79 33.43
CA ASP A 278 14.91 19.14 32.59
C ASP A 278 15.78 20.21 33.25
N ASN A 284 15.32 31.21 31.83
CA ASN A 284 14.37 30.14 32.07
C ASN A 284 14.68 29.38 33.36
N GLY A 285 15.40 30.02 34.26
CA GLY A 285 15.78 29.41 35.53
C GLY A 285 14.58 29.09 36.39
N THR A 286 13.87 28.01 36.06
CA THR A 286 12.71 27.59 36.83
C THR A 286 12.49 26.09 36.72
N GLU A 287 11.67 25.54 37.62
CA GLU A 287 11.41 24.11 37.64
C GLU A 287 10.29 23.72 36.68
N ILE A 288 10.67 23.07 35.58
CA ILE A 288 9.70 22.63 34.59
C ILE A 288 9.61 21.11 34.54
N PHE A 289 8.41 20.58 34.78
CA PHE A 289 8.20 19.13 34.77
C PHE A 289 7.33 18.71 33.59
N ARG A 290 7.77 17.66 32.89
CA ARG A 290 7.08 17.17 31.70
C ARG A 290 6.68 15.72 31.86
N PRO A 291 5.59 15.31 31.20
CA PRO A 291 5.10 13.92 31.24
C PRO A 291 6.16 12.94 30.76
N GLY A 292 6.40 11.90 31.55
CA GLY A 292 7.39 10.90 31.20
C GLY A 292 6.77 9.58 30.74
N GLY A 293 7.59 8.54 30.69
CA GLY A 293 7.12 7.23 30.26
C GLY A 293 8.05 6.60 29.24
N GLY A 294 7.66 5.43 28.74
CA GLY A 294 8.46 4.70 27.79
C GLY A 294 8.94 3.36 28.33
N ASP A 295 9.61 3.40 29.48
CA ASP A 295 10.08 2.19 30.12
C ASP A 295 9.00 1.62 31.05
N MET A 296 8.28 0.62 30.56
CA MET A 296 7.18 0.03 31.31
C MET A 296 7.62 -0.60 32.62
N ARG A 297 8.93 -0.68 32.83
CA ARG A 297 9.47 -1.22 34.08
C ARG A 297 9.05 -0.32 35.24
N ASP A 298 9.12 0.99 35.01
CA ASP A 298 8.75 1.97 36.03
C ASP A 298 7.28 1.81 36.41
N ASN A 299 6.46 1.38 35.44
CA ASN A 299 5.05 1.14 35.70
C ASN A 299 4.86 0.03 36.73
N TRP A 300 5.72 -0.99 36.64
CA TRP A 300 5.65 -2.12 37.57
C TRP A 300 6.22 -1.74 38.93
N ARG A 301 7.19 -0.83 38.93
CA ARG A 301 7.81 -0.36 40.17
C ARG A 301 6.80 0.34 41.07
N SER A 302 5.88 1.07 40.47
CA SER A 302 4.88 1.83 41.23
C SER A 302 3.95 0.91 42.01
N GLU A 303 4.06 -0.39 41.77
CA GLU A 303 3.21 -1.37 42.45
C GLU A 303 4.03 -2.34 43.30
N LEU A 304 5.29 -2.54 42.91
CA LEU A 304 6.16 -3.48 43.61
C LEU A 304 7.24 -2.74 44.40
N TYR A 305 6.91 -1.58 44.95
CA TYR A 305 7.86 -0.80 45.72
C TYR A 305 7.88 -1.21 47.19
N LYS A 306 7.01 -2.16 47.55
CA LYS A 306 6.92 -2.63 48.92
C LYS A 306 7.23 -4.12 49.03
N TYR A 307 7.60 -4.73 47.91
CA TYR A 307 7.84 -6.16 47.88
C TYR A 307 9.26 -6.51 47.45
N LYS A 308 9.71 -7.70 47.85
CA LYS A 308 11.01 -8.22 47.43
C LYS A 308 11.08 -9.71 47.74
N VAL A 309 11.65 -10.47 46.80
CA VAL A 309 11.76 -11.92 46.96
C VAL A 309 13.04 -12.34 47.67
N VAL A 310 12.89 -13.14 48.71
CA VAL A 310 14.04 -13.63 49.47
C VAL A 310 13.95 -15.14 49.69
N LYS A 311 15.09 -15.82 49.62
CA LYS A 311 15.13 -17.27 49.76
C LYS A 311 15.09 -17.69 51.22
N ILE A 312 14.20 -18.64 51.54
CA ILE A 312 14.05 -19.13 52.90
C ILE A 312 15.29 -19.89 53.36
N GLU A 313 15.75 -19.58 54.57
CA GLU A 313 16.95 -20.23 55.11
C GLU A 313 16.59 -21.49 55.89
N ILE B 2 2.08 -12.60 2.71
CA ILE B 2 2.41 -11.41 1.93
C ILE B 2 2.46 -11.71 0.43
N GLN B 3 2.03 -12.91 0.06
CA GLN B 3 2.01 -13.32 -1.34
C GLN B 3 0.64 -13.85 -1.75
N MET B 4 0.13 -13.34 -2.86
CA MET B 4 -1.21 -13.71 -3.33
C MET B 4 -1.14 -14.44 -4.66
N THR B 5 -1.69 -15.66 -4.68
CA THR B 5 -1.75 -16.45 -5.91
C THR B 5 -3.17 -16.49 -6.46
N GLN B 6 -3.31 -16.09 -7.72
CA GLN B 6 -4.63 -16.03 -8.35
C GLN B 6 -4.71 -16.95 -9.57
N SER B 7 -5.61 -17.92 -9.51
CA SER B 7 -5.79 -18.87 -10.60
C SER B 7 -7.27 -19.11 -10.88
N PRO B 8 -7.59 -19.47 -12.14
CA PRO B 8 -6.62 -19.61 -13.23
C PRO B 8 -6.07 -18.26 -13.67
N SER B 9 -5.18 -18.27 -14.65
CA SER B 9 -4.60 -17.05 -15.18
C SER B 9 -5.46 -16.48 -16.30
N SER B 10 -6.22 -17.34 -16.96
CA SER B 10 -7.08 -16.93 -18.05
C SER B 10 -8.29 -17.86 -18.15
N VAL B 11 -9.45 -17.29 -18.45
CA VAL B 11 -10.68 -18.06 -18.59
C VAL B 11 -11.56 -17.52 -19.70
N SER B 12 -12.13 -18.41 -20.49
CA SER B 12 -13.00 -18.04 -21.60
C SER B 12 -14.40 -18.60 -21.41
N ALA B 13 -15.41 -17.74 -21.53
CA ALA B 13 -16.80 -18.16 -21.36
C ALA B 13 -17.73 -17.36 -22.27
N SER B 14 -18.98 -17.82 -22.36
CA SER B 14 -19.98 -17.15 -23.19
C SER B 14 -20.88 -16.25 -22.35
N VAL B 15 -21.69 -15.44 -23.01
CA VAL B 15 -22.60 -14.53 -22.33
C VAL B 15 -23.71 -15.29 -21.60
N GLY B 16 -23.92 -14.95 -20.33
CA GLY B 16 -24.97 -15.58 -19.54
C GLY B 16 -24.48 -16.81 -18.81
N ASP B 17 -23.16 -16.93 -18.65
CA ASP B 17 -22.58 -18.07 -17.96
C ASP B 17 -22.15 -17.70 -16.54
N ARG B 18 -21.80 -18.71 -15.76
CA ARG B 18 -21.35 -18.50 -14.39
C ARG B 18 -19.83 -18.67 -14.28
N VAL B 19 -19.14 -17.56 -14.06
CA VAL B 19 -17.68 -17.58 -13.96
C VAL B 19 -17.23 -17.57 -12.50
N THR B 20 -16.19 -18.33 -12.20
CA THR B 20 -15.67 -18.41 -10.84
C THR B 20 -14.15 -18.45 -10.81
N ILE B 21 -13.54 -17.45 -10.19
CA ILE B 21 -12.09 -17.39 -10.03
C ILE B 21 -11.71 -17.48 -8.56
N THR B 22 -10.54 -18.05 -8.29
CA THR B 22 -10.07 -18.23 -6.93
C THR B 22 -8.88 -17.36 -6.60
N CYS B 23 -8.50 -17.32 -5.33
CA CYS B 23 -7.36 -16.54 -4.87
C CYS B 23 -6.79 -17.13 -3.58
N ARG B 24 -5.49 -17.40 -3.58
CA ARG B 24 -4.83 -18.01 -2.43
C ARG B 24 -3.85 -17.06 -1.76
N ALA B 25 -3.78 -17.11 -0.43
CA ALA B 25 -2.86 -16.29 0.33
C ALA B 25 -1.87 -17.16 1.10
N SER B 26 -0.59 -16.84 0.98
CA SER B 26 0.46 -17.62 1.63
C SER B 26 0.29 -17.63 3.15
N GLN B 27 -0.27 -16.56 3.69
CA GLN B 27 -0.47 -16.44 5.13
C GLN B 27 -1.91 -16.08 5.46
N ASP B 28 -2.37 -16.51 6.64
CA ASP B 28 -3.74 -16.26 7.07
C ASP B 28 -3.98 -14.76 7.24
N ILE B 29 -4.88 -14.21 6.42
CA ILE B 29 -5.20 -12.80 6.48
C ILE B 29 -6.67 -12.58 6.86
N SER B 30 -7.26 -13.56 7.54
CA SER B 30 -8.64 -13.47 7.98
C SER B 30 -9.59 -13.24 6.80
N THR B 31 -10.33 -12.15 6.85
CA THR B 31 -11.29 -11.81 5.80
C THR B 31 -10.97 -10.46 5.16
N TRP B 32 -9.68 -10.13 5.10
CA TRP B 32 -9.25 -8.87 4.51
C TRP B 32 -8.76 -9.05 3.07
N LEU B 33 -9.71 -9.28 2.16
CA LEU B 33 -9.39 -9.41 0.75
C LEU B 33 -10.35 -8.57 -0.10
N ALA B 34 -9.79 -7.84 -1.06
CA ALA B 34 -10.62 -7.00 -1.93
C ALA B 34 -10.48 -7.42 -3.39
N TRP B 35 -11.58 -7.29 -4.14
CA TRP B 35 -11.59 -7.64 -5.56
C TRP B 35 -11.76 -6.41 -6.44
N TYR B 36 -11.00 -6.35 -7.53
CA TYR B 36 -11.05 -5.22 -8.44
C TYR B 36 -11.38 -5.63 -9.87
N GLN B 37 -11.91 -4.68 -10.63
CA GLN B 37 -12.19 -4.90 -12.06
C GLN B 37 -11.46 -3.85 -12.89
N GLN B 38 -10.66 -4.29 -13.85
CA GLN B 38 -9.92 -3.36 -14.69
C GLN B 38 -10.15 -3.61 -16.18
N LYS B 39 -10.32 -2.53 -16.92
CA LYS B 39 -10.47 -2.61 -18.38
C LYS B 39 -9.35 -1.84 -19.07
N PRO B 40 -8.85 -2.37 -20.18
CA PRO B 40 -7.74 -1.76 -20.94
C PRO B 40 -7.92 -0.26 -21.14
N GLY B 41 -7.08 0.53 -20.47
CA GLY B 41 -7.12 1.97 -20.60
C GLY B 41 -7.80 2.66 -19.43
N LYS B 42 -8.67 1.93 -18.74
CA LYS B 42 -9.42 2.49 -17.62
C LYS B 42 -8.78 2.13 -16.29
N ALA B 43 -9.03 2.95 -15.27
CA ALA B 43 -8.51 2.69 -13.93
C ALA B 43 -9.36 1.65 -13.22
N PRO B 44 -8.74 0.89 -12.31
CA PRO B 44 -9.40 -0.18 -11.57
C PRO B 44 -10.58 0.32 -10.74
N LYS B 45 -11.67 -0.42 -10.75
CA LYS B 45 -12.84 -0.08 -9.93
C LYS B 45 -13.10 -1.17 -8.90
N LEU B 46 -13.22 -0.77 -7.64
CA LEU B 46 -13.46 -1.72 -6.55
C LEU B 46 -14.80 -2.42 -6.73
N LEU B 47 -14.83 -3.72 -6.46
CA LEU B 47 -16.05 -4.50 -6.56
C LEU B 47 -16.48 -5.04 -5.21
N ILE B 48 -15.64 -5.86 -4.60
CA ILE B 48 -15.95 -6.46 -3.32
C ILE B 48 -14.82 -6.25 -2.30
N TYR B 49 -15.19 -5.75 -1.12
CA TYR B 49 -14.23 -5.58 -0.03
C TYR B 49 -14.65 -6.44 1.16
N ALA B 50 -13.68 -6.76 2.01
CA ALA B 50 -13.93 -7.62 3.16
C ALA B 50 -14.17 -9.06 2.70
N ALA B 51 -13.98 -9.30 1.40
CA ALA B 51 -14.10 -10.64 0.83
C ALA B 51 -15.54 -11.14 0.78
N SER B 52 -16.49 -10.21 0.91
CA SER B 52 -17.90 -10.57 0.86
C SER B 52 -18.79 -9.35 0.62
N THR B 53 -18.52 -8.27 1.34
CA THR B 53 -19.29 -7.05 1.20
C THR B 53 -19.18 -6.48 -0.21
N LEU B 54 -20.31 -6.12 -0.80
CA LEU B 54 -20.34 -5.59 -2.15
C LEU B 54 -20.29 -4.06 -2.15
N GLN B 55 -19.75 -3.50 -3.23
CA GLN B 55 -19.65 -2.05 -3.36
C GLN B 55 -20.96 -1.44 -3.83
N SER B 56 -21.25 -0.24 -3.33
CA SER B 56 -22.49 0.46 -3.69
C SER B 56 -22.47 0.86 -5.16
N GLY B 57 -23.35 0.26 -5.95
CA GLY B 57 -23.43 0.56 -7.37
C GLY B 57 -23.07 -0.66 -8.21
N VAL B 58 -22.23 -1.52 -7.67
CA VAL B 58 -21.83 -2.74 -8.36
C VAL B 58 -22.99 -3.73 -8.44
N PRO B 59 -23.25 -4.27 -9.64
CA PRO B 59 -24.33 -5.23 -9.87
C PRO B 59 -24.36 -6.33 -8.80
N SER B 60 -25.55 -6.86 -8.54
CA SER B 60 -25.71 -7.88 -7.51
C SER B 60 -25.25 -9.26 -7.99
N ARG B 61 -25.05 -9.39 -9.30
CA ARG B 61 -24.62 -10.66 -9.87
C ARG B 61 -23.19 -11.02 -9.48
N PHE B 62 -22.51 -10.10 -8.80
CA PHE B 62 -21.16 -10.34 -8.32
C PHE B 62 -21.17 -10.76 -6.85
N SER B 63 -20.59 -11.94 -6.57
CA SER B 63 -20.54 -12.45 -5.21
C SER B 63 -19.16 -13.01 -4.88
N GLY B 64 -18.74 -12.82 -3.64
CA GLY B 64 -17.46 -13.33 -3.18
C GLY B 64 -17.58 -14.11 -1.89
N SER B 65 -16.58 -14.93 -1.59
CA SER B 65 -16.57 -15.72 -0.37
C SER B 65 -15.15 -16.15 0.00
N GLY B 66 -15.03 -16.90 1.10
CA GLY B 66 -13.73 -17.37 1.55
C GLY B 66 -13.26 -16.64 2.80
N SER B 67 -12.31 -17.24 3.50
CA SER B 67 -11.76 -16.64 4.71
C SER B 67 -10.50 -17.39 5.17
N GLY B 68 -9.49 -16.64 5.57
CA GLY B 68 -8.24 -17.22 6.03
C GLY B 68 -7.14 -17.11 5.00
N THR B 69 -7.10 -18.06 4.07
CA THR B 69 -6.08 -18.08 3.03
C THR B 69 -6.68 -18.39 1.66
N ASP B 70 -7.87 -18.99 1.67
CA ASP B 70 -8.54 -19.36 0.42
C ASP B 70 -9.79 -18.51 0.18
N PHE B 71 -9.85 -17.88 -1.00
CA PHE B 71 -10.99 -17.06 -1.36
C PHE B 71 -11.49 -17.42 -2.76
N SER B 72 -12.54 -16.72 -3.21
CA SER B 72 -13.10 -16.99 -4.53
C SER B 72 -14.10 -15.92 -4.95
N LEU B 73 -14.10 -15.60 -6.24
CA LEU B 73 -15.04 -14.66 -6.81
C LEU B 73 -15.90 -15.35 -7.86
N THR B 74 -17.21 -15.09 -7.82
CA THR B 74 -18.14 -15.73 -8.75
C THR B 74 -19.16 -14.74 -9.28
N ILE B 75 -19.60 -14.97 -10.51
CA ILE B 75 -20.61 -14.11 -11.14
C ILE B 75 -21.83 -14.91 -11.56
N ASN B 76 -23.00 -14.50 -11.07
CA ASN B 76 -24.25 -15.19 -11.38
C ASN B 76 -24.46 -15.34 -12.88
N SER B 77 -24.40 -14.22 -13.59
CA SER B 77 -24.54 -14.22 -15.04
C SER B 77 -23.47 -13.35 -15.69
N LEU B 78 -22.96 -13.79 -16.84
CA LEU B 78 -21.91 -13.07 -17.54
C LEU B 78 -22.48 -12.11 -18.57
N GLN B 79 -22.35 -10.81 -18.29
CA GLN B 79 -22.82 -9.78 -19.20
C GLN B 79 -21.70 -9.34 -20.13
N PRO B 80 -22.06 -8.62 -21.21
CA PRO B 80 -21.09 -8.17 -22.21
C PRO B 80 -20.08 -7.17 -21.65
N GLU B 81 -20.38 -6.61 -20.49
CA GLU B 81 -19.48 -5.64 -19.86
C GLU B 81 -18.76 -6.23 -18.65
N ASP B 82 -18.85 -7.54 -18.50
CA ASP B 82 -18.17 -8.23 -17.40
C ASP B 82 -16.83 -8.77 -17.86
N PHE B 83 -16.59 -8.77 -19.16
CA PHE B 83 -15.34 -9.24 -19.73
C PHE B 83 -14.20 -8.27 -19.44
N ALA B 84 -13.29 -8.68 -18.56
CA ALA B 84 -12.17 -7.84 -18.18
C ALA B 84 -11.15 -8.61 -17.36
N THR B 85 -10.28 -7.88 -16.68
CA THR B 85 -9.27 -8.50 -15.81
C THR B 85 -9.60 -8.22 -14.35
N TYR B 86 -9.50 -9.26 -13.52
CA TYR B 86 -9.83 -9.14 -12.10
C TYR B 86 -8.62 -9.44 -11.22
N TYR B 87 -8.51 -8.69 -10.12
CA TYR B 87 -7.39 -8.86 -9.20
C TYR B 87 -7.87 -9.05 -7.76
N CYS B 88 -7.18 -9.88 -7.01
CA CYS B 88 -7.43 -10.02 -5.58
C CYS B 88 -6.31 -9.33 -4.81
N GLN B 89 -6.66 -8.67 -3.71
CA GLN B 89 -5.69 -7.87 -2.96
C GLN B 89 -5.69 -8.14 -1.46
N GLN B 90 -4.50 -8.33 -0.90
CA GLN B 90 -4.34 -8.42 0.55
C GLN B 90 -4.73 -7.08 1.16
N ALA B 91 -5.34 -7.09 2.34
CA ALA B 91 -5.79 -5.85 2.96
C ALA B 91 -5.87 -5.94 4.48
N ASN B 92 -4.96 -6.70 5.09
CA ASN B 92 -4.91 -6.79 6.54
C ASN B 92 -3.87 -5.85 7.13
N SER B 93 -2.74 -5.74 6.45
CA SER B 93 -1.67 -4.84 6.84
C SER B 93 -1.01 -4.26 5.60
N PHE B 94 -0.48 -5.15 4.75
CA PHE B 94 0.03 -4.76 3.44
C PHE B 94 -1.07 -4.90 2.40
N PHE B 95 -0.80 -4.44 1.18
CA PHE B 95 -1.80 -4.48 0.12
C PHE B 95 -1.26 -5.10 -1.17
N THR B 96 -0.66 -6.28 -1.04
CA THR B 96 -0.11 -6.98 -2.19
C THR B 96 -1.22 -7.48 -3.12
N PHE B 97 -1.05 -7.26 -4.42
CA PHE B 97 -2.02 -7.68 -5.41
C PHE B 97 -1.72 -9.07 -5.95
N GLY B 98 -2.73 -9.71 -6.55
CA GLY B 98 -2.54 -11.01 -7.17
C GLY B 98 -2.04 -10.86 -8.60
N GLY B 99 -1.84 -11.98 -9.27
CA GLY B 99 -1.37 -11.97 -10.64
C GLY B 99 -2.41 -11.45 -11.61
N GLY B 100 -3.68 -11.65 -11.26
CA GLY B 100 -4.78 -11.19 -12.10
C GLY B 100 -5.30 -12.31 -12.99
N THR B 101 -6.55 -12.16 -13.44
CA THR B 101 -7.17 -13.14 -14.32
C THR B 101 -7.99 -12.45 -15.41
N LYS B 102 -7.72 -12.79 -16.66
CA LYS B 102 -8.42 -12.18 -17.78
C LYS B 102 -9.61 -13.03 -18.24
N VAL B 103 -10.77 -12.39 -18.37
CA VAL B 103 -11.96 -13.08 -18.85
C VAL B 103 -12.21 -12.76 -20.32
N GLU B 104 -11.99 -13.75 -21.18
CA GLU B 104 -12.15 -13.57 -22.62
C GLU B 104 -13.39 -14.27 -23.14
N ILE B 105 -13.83 -13.86 -24.33
CA ILE B 105 -15.02 -14.43 -24.95
C ILE B 105 -14.70 -15.71 -25.71
N LYS B 106 -15.49 -16.76 -25.48
CA LYS B 106 -15.29 -18.04 -26.12
C LYS B 106 -16.11 -18.15 -27.40
N ARG B 107 -15.44 -18.48 -28.50
CA ARG B 107 -16.12 -18.66 -29.78
C ARG B 107 -15.52 -19.83 -30.56
N THR B 108 -15.98 -19.99 -31.79
CA THR B 108 -15.47 -21.05 -32.67
C THR B 108 -14.11 -20.68 -33.24
N VAL B 109 -13.32 -21.68 -33.58
CA VAL B 109 -12.00 -21.46 -34.15
C VAL B 109 -12.07 -20.70 -35.47
N ALA B 110 -11.15 -19.77 -35.67
CA ALA B 110 -11.12 -18.98 -36.89
C ALA B 110 -9.71 -18.91 -37.47
N ALA B 111 -9.61 -19.19 -38.77
CA ALA B 111 -8.33 -19.17 -39.46
C ALA B 111 -7.86 -17.74 -39.72
N PRO B 112 -6.57 -17.47 -39.45
CA PRO B 112 -5.96 -16.15 -39.63
C PRO B 112 -5.77 -15.79 -41.10
N SER B 113 -6.04 -14.54 -41.44
CA SER B 113 -5.78 -14.04 -42.79
C SER B 113 -4.38 -13.45 -42.86
N VAL B 114 -3.45 -14.19 -43.45
CA VAL B 114 -2.05 -13.78 -43.49
C VAL B 114 -1.74 -12.85 -44.66
N PHE B 115 -1.11 -11.72 -44.36
CA PHE B 115 -0.69 -10.77 -45.38
C PHE B 115 0.70 -10.24 -45.06
N ILE B 116 1.47 -9.90 -46.09
CA ILE B 116 2.82 -9.41 -45.89
C ILE B 116 3.04 -8.09 -46.62
N PHE B 117 3.81 -7.19 -46.00
CA PHE B 117 4.06 -5.87 -46.57
C PHE B 117 5.56 -5.59 -46.68
N PRO B 118 6.06 -5.47 -47.92
CA PRO B 118 7.46 -5.12 -48.16
C PRO B 118 7.78 -3.71 -47.69
N PRO B 119 9.06 -3.43 -47.40
CA PRO B 119 9.51 -2.11 -46.94
C PRO B 119 9.21 -1.03 -47.97
N SER B 120 8.82 0.15 -47.51
CA SER B 120 8.52 1.26 -48.40
C SER B 120 9.79 1.95 -48.89
N ASP B 121 9.68 2.66 -50.00
CA ASP B 121 10.83 3.38 -50.56
C ASP B 121 11.25 4.51 -49.63
N GLU B 122 10.31 5.02 -48.85
CA GLU B 122 10.58 6.12 -47.93
C GLU B 122 11.46 5.68 -46.76
N GLN B 123 11.30 4.43 -46.36
CA GLN B 123 12.09 3.89 -45.25
C GLN B 123 13.50 3.51 -45.69
N LEU B 124 13.62 3.04 -46.93
CA LEU B 124 14.91 2.64 -47.48
C LEU B 124 15.83 3.86 -47.66
N LYS B 125 15.23 5.02 -47.88
CA LYS B 125 16.00 6.25 -48.03
C LYS B 125 16.54 6.71 -46.68
N SER B 126 15.86 6.34 -45.61
CA SER B 126 16.27 6.71 -44.26
C SER B 126 17.46 5.87 -43.81
N GLY B 127 17.56 4.66 -44.35
CA GLY B 127 18.67 3.78 -44.04
C GLY B 127 18.27 2.48 -43.37
N THR B 128 16.96 2.25 -43.26
CA THR B 128 16.45 1.03 -42.63
C THR B 128 15.42 0.34 -43.50
N ALA B 129 14.97 -0.83 -43.06
CA ALA B 129 13.97 -1.59 -43.80
C ALA B 129 13.19 -2.51 -42.87
N SER B 130 11.88 -2.28 -42.78
CA SER B 130 11.02 -3.06 -41.90
C SER B 130 9.98 -3.85 -42.68
N VAL B 131 9.93 -5.15 -42.44
CA VAL B 131 8.94 -6.02 -43.06
C VAL B 131 7.83 -6.33 -42.06
N VAL B 132 6.58 -6.19 -42.48
CA VAL B 132 5.44 -6.42 -41.59
C VAL B 132 4.59 -7.60 -42.04
N CYS B 133 4.37 -8.55 -41.13
CA CYS B 133 3.50 -9.68 -41.38
C CYS B 133 2.23 -9.54 -40.56
N LEU B 134 1.08 -9.63 -41.22
CA LEU B 134 -0.19 -9.40 -40.56
C LEU B 134 -1.06 -10.65 -40.47
N LEU B 135 -1.57 -10.92 -39.27
CA LEU B 135 -2.52 -12.00 -39.05
C LEU B 135 -3.86 -11.42 -38.61
N ASN B 136 -4.81 -11.36 -39.53
CA ASN B 136 -6.08 -10.69 -39.27
C ASN B 136 -7.20 -11.63 -38.87
N ASN B 137 -7.88 -11.29 -37.78
CA ASN B 137 -9.08 -12.01 -37.34
C ASN B 137 -8.88 -13.51 -37.20
N PHE B 138 -8.48 -13.96 -36.01
CA PHE B 138 -8.29 -15.38 -35.75
C PHE B 138 -8.62 -15.73 -34.30
N TYR B 139 -8.70 -17.03 -34.02
CA TYR B 139 -9.02 -17.50 -32.67
C TYR B 139 -8.67 -18.98 -32.55
N PRO B 140 -8.13 -19.38 -31.39
CA PRO B 140 -7.87 -18.53 -30.22
C PRO B 140 -6.73 -17.54 -30.46
N ARG B 141 -6.24 -16.95 -29.37
CA ARG B 141 -5.19 -15.94 -29.44
C ARG B 141 -3.81 -16.54 -29.67
N GLU B 142 -3.68 -17.83 -29.39
CA GLU B 142 -2.40 -18.52 -29.54
C GLU B 142 -2.05 -18.73 -31.01
N ALA B 143 -0.85 -18.31 -31.39
CA ALA B 143 -0.38 -18.47 -32.76
C ALA B 143 1.13 -18.29 -32.85
N LYS B 144 1.75 -18.96 -33.81
CA LYS B 144 3.20 -18.87 -34.00
C LYS B 144 3.55 -18.16 -35.31
N VAL B 145 4.53 -17.28 -35.25
CA VAL B 145 5.00 -16.57 -36.43
C VAL B 145 6.53 -16.56 -36.50
N GLN B 146 7.06 -17.13 -37.58
CA GLN B 146 8.51 -17.21 -37.75
C GLN B 146 8.97 -16.45 -38.98
N TRP B 147 10.14 -15.84 -38.87
CA TRP B 147 10.75 -15.14 -40.00
C TRP B 147 11.89 -15.95 -40.59
N LYS B 148 11.87 -16.14 -41.90
CA LYS B 148 12.93 -16.87 -42.59
C LYS B 148 13.47 -16.08 -43.78
N VAL B 149 14.74 -15.68 -43.68
CA VAL B 149 15.40 -14.98 -44.77
C VAL B 149 16.25 -15.96 -45.57
N ASP B 150 15.88 -16.18 -46.82
CA ASP B 150 16.55 -17.17 -47.66
C ASP B 150 16.53 -18.55 -47.00
N ASN B 151 15.36 -18.91 -46.45
CA ASN B 151 15.18 -20.21 -45.82
C ASN B 151 15.93 -20.32 -44.49
N ALA B 152 16.46 -19.20 -44.01
CA ALA B 152 17.20 -19.18 -42.76
C ALA B 152 16.35 -18.58 -41.64
N LEU B 153 16.11 -19.35 -40.60
CA LEU B 153 15.31 -18.89 -39.46
C LEU B 153 16.10 -17.89 -38.62
N GLN B 154 15.57 -16.67 -38.50
CA GLN B 154 16.24 -15.62 -37.75
C GLN B 154 15.47 -15.25 -36.49
N SER B 155 16.21 -14.83 -35.47
CA SER B 155 15.60 -14.43 -34.20
C SER B 155 16.42 -13.32 -33.53
N GLY B 156 15.74 -12.47 -32.77
CA GLY B 156 16.40 -11.39 -32.05
C GLY B 156 16.28 -10.05 -32.74
N ASN B 157 15.76 -10.07 -33.97
CA ASN B 157 15.60 -8.83 -34.74
C ASN B 157 14.16 -8.61 -35.18
N SER B 158 13.22 -9.05 -34.35
CA SER B 158 11.80 -8.88 -34.64
C SER B 158 10.97 -8.80 -33.37
N GLN B 159 9.86 -8.08 -33.41
CA GLN B 159 8.96 -7.98 -32.29
C GLN B 159 7.51 -8.03 -32.78
N GLU B 160 6.60 -8.41 -31.89
CA GLU B 160 5.19 -8.54 -32.26
C GLU B 160 4.27 -7.94 -31.20
N SER B 161 3.02 -7.71 -31.59
CA SER B 161 2.00 -7.21 -30.67
C SER B 161 0.63 -7.69 -31.10
N VAL B 162 -0.21 -8.02 -30.12
CA VAL B 162 -1.55 -8.52 -30.42
C VAL B 162 -2.61 -7.56 -29.89
N THR B 163 -3.57 -7.23 -30.75
CA THR B 163 -4.66 -6.35 -30.35
C THR B 163 -5.59 -7.05 -29.38
N GLU B 164 -6.37 -6.27 -28.64
CA GLU B 164 -7.32 -6.82 -27.69
C GLU B 164 -8.44 -7.53 -28.43
N GLN B 165 -9.19 -8.37 -27.71
CA GLN B 165 -10.28 -9.12 -28.33
C GLN B 165 -11.35 -8.18 -28.89
N ASP B 166 -11.66 -8.34 -30.16
CA ASP B 166 -12.64 -7.50 -30.83
C ASP B 166 -14.03 -7.71 -30.24
N SER B 167 -14.93 -6.76 -30.50
CA SER B 167 -16.28 -6.81 -29.93
C SER B 167 -17.32 -7.25 -30.96
N LYS B 168 -16.98 -7.11 -32.24
CA LYS B 168 -17.91 -7.46 -33.31
C LYS B 168 -17.83 -8.94 -33.67
N ASP B 169 -16.62 -9.47 -33.73
CA ASP B 169 -16.43 -10.88 -34.08
C ASP B 169 -15.72 -11.64 -32.96
N SER B 170 -15.24 -10.91 -31.97
CA SER B 170 -14.55 -11.51 -30.83
C SER B 170 -13.32 -12.29 -31.27
N THR B 171 -12.51 -11.69 -32.14
CA THR B 171 -11.27 -12.32 -32.59
C THR B 171 -10.07 -11.46 -32.25
N TYR B 172 -8.89 -11.92 -32.64
CA TYR B 172 -7.65 -11.19 -32.37
C TYR B 172 -6.87 -10.94 -33.66
N SER B 173 -5.91 -10.02 -33.57
CA SER B 173 -5.05 -9.72 -34.71
C SER B 173 -3.62 -9.50 -34.24
N LEU B 174 -2.67 -10.11 -34.92
CA LEU B 174 -1.27 -10.03 -34.53
C LEU B 174 -0.43 -9.31 -35.59
N SER B 175 0.55 -8.54 -35.13
CA SER B 175 1.43 -7.80 -36.02
C SER B 175 2.89 -8.07 -35.68
N SER B 176 3.63 -8.62 -36.64
CA SER B 176 5.04 -8.92 -36.44
C SER B 176 5.91 -8.10 -37.40
N THR B 177 6.89 -7.40 -36.84
CA THR B 177 7.75 -6.54 -37.65
C THR B 177 9.22 -6.98 -37.62
N LEU B 178 9.79 -7.17 -38.81
CA LEU B 178 11.20 -7.50 -38.94
C LEU B 178 11.97 -6.27 -39.38
N THR B 179 12.94 -5.85 -38.57
CA THR B 179 13.69 -4.64 -38.85
C THR B 179 15.17 -4.91 -39.09
N LEU B 180 15.64 -4.58 -40.28
CA LEU B 180 17.05 -4.70 -40.62
C LEU B 180 17.56 -3.40 -41.23
N SER B 181 18.87 -3.24 -41.27
CA SER B 181 19.47 -2.07 -41.90
C SER B 181 19.36 -2.18 -43.42
N LYS B 182 19.58 -1.08 -44.12
CA LYS B 182 19.50 -1.07 -45.57
C LYS B 182 20.48 -2.05 -46.18
N ALA B 183 21.68 -2.10 -45.63
CA ALA B 183 22.74 -2.98 -46.14
C ALA B 183 22.38 -4.46 -45.96
N ASP B 184 22.02 -4.83 -44.73
CA ASP B 184 21.67 -6.21 -44.43
C ASP B 184 20.51 -6.71 -45.29
N TYR B 185 19.48 -5.88 -45.41
CA TYR B 185 18.28 -6.24 -46.16
C TYR B 185 18.57 -6.45 -47.64
N GLU B 186 19.62 -5.82 -48.14
CA GLU B 186 19.98 -5.92 -49.55
C GLU B 186 20.84 -7.15 -49.85
N LYS B 187 21.32 -7.80 -48.81
CA LYS B 187 22.18 -8.97 -48.96
C LYS B 187 21.38 -10.26 -49.11
N HIS B 188 20.06 -10.14 -49.16
CA HIS B 188 19.19 -11.31 -49.30
C HIS B 188 18.09 -11.05 -50.33
N LYS B 189 17.29 -12.07 -50.61
CA LYS B 189 16.27 -11.99 -51.65
C LYS B 189 14.91 -12.48 -51.21
N LEU B 190 14.88 -13.63 -50.52
CA LEU B 190 13.62 -14.24 -50.14
C LEU B 190 13.23 -13.95 -48.69
N TYR B 191 12.09 -13.29 -48.52
CA TYR B 191 11.56 -12.98 -47.20
C TYR B 191 10.18 -13.59 -47.01
N ALA B 192 10.03 -14.44 -46.00
CA ALA B 192 8.76 -15.11 -45.76
C ALA B 192 8.46 -15.25 -44.27
N CYS B 193 7.18 -15.33 -43.94
CA CYS B 193 6.75 -15.53 -42.56
C CYS B 193 5.69 -16.63 -42.48
N GLU B 194 6.12 -17.84 -42.11
CA GLU B 194 5.21 -18.96 -41.99
C GLU B 194 4.42 -18.89 -40.69
N VAL B 195 3.13 -19.20 -40.77
CA VAL B 195 2.25 -19.12 -39.61
C VAL B 195 1.64 -20.47 -39.27
N THR B 196 1.65 -20.81 -37.98
CA THR B 196 1.04 -22.04 -37.51
C THR B 196 -0.08 -21.72 -36.52
N HIS B 197 -1.29 -22.16 -36.87
CA HIS B 197 -2.46 -21.89 -36.03
C HIS B 197 -3.34 -23.13 -35.91
N GLN B 198 -4.15 -23.19 -34.87
CA GLN B 198 -5.02 -24.34 -34.64
C GLN B 198 -6.09 -24.47 -35.72
N GLY B 199 -6.40 -23.36 -36.39
CA GLY B 199 -7.40 -23.36 -37.44
C GLY B 199 -6.81 -23.62 -38.80
N LEU B 200 -5.51 -23.89 -38.83
CA LEU B 200 -4.81 -24.17 -40.08
C LEU B 200 -4.20 -25.57 -40.08
N SER B 201 -4.61 -26.38 -41.04
CA SER B 201 -4.11 -27.75 -41.16
C SER B 201 -2.59 -27.79 -41.27
N SER B 202 -2.05 -27.01 -42.20
CA SER B 202 -0.60 -26.94 -42.40
C SER B 202 -0.11 -25.50 -42.31
N PRO B 203 1.17 -25.33 -41.94
CA PRO B 203 1.80 -24.01 -41.81
C PRO B 203 1.68 -23.18 -43.08
N VAL B 204 0.95 -22.07 -43.01
CA VAL B 204 0.79 -21.18 -44.16
C VAL B 204 1.99 -20.25 -44.27
N THR B 205 2.46 -20.03 -45.49
CA THR B 205 3.63 -19.19 -45.72
C THR B 205 3.38 -18.11 -46.76
N LYS B 206 3.54 -16.86 -46.35
CA LYS B 206 3.44 -15.73 -47.27
C LYS B 206 4.81 -15.11 -47.47
N SER B 207 5.29 -15.10 -48.71
CA SER B 207 6.63 -14.61 -49.01
C SER B 207 6.66 -13.70 -50.23
N PHE B 208 7.84 -13.18 -50.53
CA PHE B 208 8.03 -12.31 -51.68
C PHE B 208 9.52 -12.11 -51.95
N ASN B 209 9.88 -11.97 -53.21
CA ASN B 209 11.28 -11.76 -53.59
C ASN B 209 11.63 -10.28 -53.69
N ARG B 210 12.66 -9.86 -52.97
CA ARG B 210 13.09 -8.47 -52.96
C ARG B 210 13.30 -7.96 -54.39
N GLY B 211 12.46 -7.00 -54.79
CA GLY B 211 12.52 -6.45 -56.13
C GLY B 211 11.41 -6.98 -57.01
N GLU B 212 10.28 -7.32 -56.40
CA GLU B 212 9.14 -7.86 -57.13
C GLU B 212 8.08 -6.79 -57.37
N GLU C 1 -16.88 15.56 -5.76
CA GLU C 1 -16.44 16.16 -4.51
C GLU C 1 -15.09 15.59 -4.08
N VAL C 2 -15.01 14.27 -3.96
CA VAL C 2 -13.76 13.62 -3.58
C VAL C 2 -13.02 13.10 -4.79
N GLN C 3 -11.86 13.69 -5.07
CA GLN C 3 -11.06 13.29 -6.22
C GLN C 3 -9.58 13.47 -5.96
N LEU C 4 -8.76 12.67 -6.63
CA LEU C 4 -7.31 12.76 -6.50
C LEU C 4 -6.68 13.20 -7.81
N VAL C 5 -6.07 14.39 -7.80
CA VAL C 5 -5.44 14.93 -9.00
C VAL C 5 -3.92 14.79 -8.93
N GLN C 6 -3.37 13.95 -9.82
CA GLN C 6 -1.94 13.71 -9.86
C GLN C 6 -1.24 14.68 -10.82
N SER C 7 0.09 14.64 -10.84
CA SER C 7 0.87 15.51 -11.71
C SER C 7 1.08 14.90 -13.08
N GLY C 8 1.39 15.73 -14.06
CA GLY C 8 1.57 15.29 -15.44
C GLY C 8 2.66 14.25 -15.61
N ALA C 9 2.61 13.54 -16.73
CA ALA C 9 3.60 12.51 -17.03
C ALA C 9 5.01 13.10 -17.09
N GLU C 10 6.01 12.25 -16.93
CA GLU C 10 7.41 12.70 -16.99
C GLU C 10 8.30 11.73 -17.75
N VAL C 11 9.53 12.16 -18.02
CA VAL C 11 10.52 11.33 -18.68
C VAL C 11 11.87 11.44 -17.98
N LYS C 12 12.46 10.31 -17.65
CA LYS C 12 13.71 10.29 -16.89
C LYS C 12 14.79 9.44 -17.57
N LYS C 13 16.03 9.64 -17.15
CA LYS C 13 17.15 8.87 -17.66
C LYS C 13 17.49 7.75 -16.68
N PRO C 14 18.00 6.63 -17.20
CA PRO C 14 18.39 5.48 -16.37
C PRO C 14 19.42 5.88 -15.31
N GLY C 15 18.96 6.15 -14.10
CA GLY C 15 19.85 6.53 -13.01
C GLY C 15 19.41 7.78 -12.29
N ALA C 16 18.44 8.49 -12.87
CA ALA C 16 17.93 9.72 -12.27
C ALA C 16 16.88 9.43 -11.22
N THR C 17 16.27 10.49 -10.69
CA THR C 17 15.23 10.35 -9.67
C THR C 17 13.96 11.09 -10.08
N VAL C 18 12.82 10.47 -9.82
CA VAL C 18 11.53 11.05 -10.15
C VAL C 18 10.69 11.28 -8.90
N LYS C 19 9.86 12.31 -8.92
CA LYS C 19 9.00 12.61 -7.78
C LYS C 19 7.60 13.01 -8.25
N ILE C 20 6.60 12.23 -7.84
CA ILE C 20 5.21 12.48 -8.22
C ILE C 20 4.41 13.08 -7.07
N SER C 21 3.43 13.91 -7.40
CA SER C 21 2.59 14.53 -6.39
C SER C 21 1.11 14.16 -6.59
N CYS C 22 0.34 14.21 -5.51
CA CYS C 22 -1.07 13.88 -5.56
C CYS C 22 -1.88 14.75 -4.62
N LYS C 23 -2.69 15.63 -5.19
CA LYS C 23 -3.52 16.53 -4.39
C LYS C 23 -4.88 15.91 -4.10
N ALA C 24 -5.25 15.91 -2.82
CA ALA C 24 -6.53 15.36 -2.40
C ALA C 24 -7.53 16.47 -2.10
N SER C 25 -8.82 16.13 -2.13
CA SER C 25 -9.87 17.10 -1.84
C SER C 25 -11.18 16.41 -1.49
N GLY C 26 -11.99 17.08 -0.66
CA GLY C 26 -13.30 16.57 -0.31
C GLY C 26 -13.34 15.75 0.96
N TYR C 27 -12.21 15.69 1.66
CA TYR C 27 -12.13 14.93 2.91
C TYR C 27 -10.93 15.35 3.75
N THR C 28 -10.96 14.97 5.03
CA THR C 28 -9.86 15.29 5.94
C THR C 28 -8.60 14.54 5.51
N PHE C 29 -7.73 15.24 4.79
CA PHE C 29 -6.54 14.63 4.21
C PHE C 29 -5.58 14.05 5.25
N SER C 30 -5.43 14.71 6.38
CA SER C 30 -4.45 14.32 7.38
C SER C 30 -4.95 13.23 8.33
N ASP C 31 -6.16 12.73 8.08
CA ASP C 31 -6.76 11.73 8.97
C ASP C 31 -6.94 10.37 8.29
N PHE C 32 -6.42 10.23 7.08
CA PHE C 32 -6.58 8.98 6.33
C PHE C 32 -5.29 8.54 5.65
N TYR C 33 -5.23 7.26 5.29
CA TYR C 33 -4.06 6.69 4.62
C TYR C 33 -4.03 7.07 3.15
N MET C 34 -2.82 7.17 2.60
CA MET C 34 -2.63 7.34 1.17
C MET C 34 -1.81 6.18 0.63
N TYR C 35 -2.27 5.57 -0.45
CA TYR C 35 -1.61 4.40 -1.02
C TYR C 35 -1.06 4.70 -2.41
N TRP C 36 -0.03 3.95 -2.80
CA TRP C 36 0.58 4.10 -4.11
C TRP C 36 0.68 2.76 -4.83
N VAL C 37 0.32 2.74 -6.11
CA VAL C 37 0.38 1.52 -6.90
C VAL C 37 0.81 1.84 -8.33
N ARG C 38 1.68 1.00 -8.89
CA ARG C 38 2.14 1.19 -10.25
C ARG C 38 1.82 -0.02 -11.11
N GLN C 39 1.63 0.20 -12.41
CA GLN C 39 1.30 -0.88 -13.34
C GLN C 39 2.10 -0.75 -14.63
N ALA C 40 2.97 -1.74 -14.87
CA ALA C 40 3.74 -1.77 -16.10
C ALA C 40 2.86 -2.27 -17.25
N PRO C 41 3.00 -1.65 -18.42
CA PRO C 41 2.22 -2.01 -19.60
C PRO C 41 2.29 -3.50 -19.91
N GLY C 42 1.15 -4.17 -19.93
CA GLY C 42 1.09 -5.58 -20.22
C GLY C 42 1.05 -6.43 -18.96
N LYS C 43 1.46 -5.85 -17.84
CA LYS C 43 1.46 -6.57 -16.56
C LYS C 43 0.29 -6.16 -15.68
N GLY C 44 0.28 -6.64 -14.44
CA GLY C 44 -0.81 -6.37 -13.53
C GLY C 44 -0.47 -5.31 -12.48
N LEU C 45 -1.41 -5.08 -11.57
CA LEU C 45 -1.25 -4.09 -10.52
C LEU C 45 -0.16 -4.50 -9.52
N GLU C 46 0.59 -3.52 -9.03
CA GLU C 46 1.66 -3.79 -8.09
C GLU C 46 1.71 -2.73 -7.00
N TRP C 47 1.45 -3.15 -5.76
CA TRP C 47 1.46 -2.24 -4.62
C TRP C 47 2.89 -1.83 -4.27
N MET C 48 3.06 -0.56 -3.92
CA MET C 48 4.39 -0.03 -3.60
C MET C 48 4.54 0.30 -2.13
N GLY C 49 3.56 1.01 -1.57
CA GLY C 49 3.61 1.40 -0.17
C GLY C 49 2.46 2.28 0.27
N LEU C 50 2.43 2.58 1.57
CA LEU C 50 1.39 3.43 2.13
C LEU C 50 1.97 4.42 3.13
N ILE C 51 1.14 5.34 3.62
CA ILE C 51 1.61 6.34 4.57
C ILE C 51 0.48 6.89 5.44
N ASP C 52 0.80 7.10 6.72
CA ASP C 52 -0.11 7.77 7.64
C ASP C 52 0.40 9.18 7.88
N PRO C 53 -0.19 10.17 7.19
CA PRO C 53 0.33 11.54 7.10
C PRO C 53 0.62 12.20 8.44
N GLU C 54 -0.35 12.18 9.35
CA GLU C 54 -0.24 12.92 10.60
C GLU C 54 1.04 12.61 11.39
N ASP C 55 1.53 11.38 11.26
CA ASP C 55 2.76 10.98 11.95
C ASP C 55 3.85 10.57 10.98
N ALA C 56 3.50 10.46 9.70
CA ALA C 56 4.46 10.10 8.66
C ALA C 56 4.93 8.66 8.78
N ASP C 57 4.03 7.77 9.18
CA ASP C 57 4.34 6.35 9.26
C ASP C 57 4.19 5.71 7.88
N THR C 58 5.25 5.03 7.44
CA THR C 58 5.25 4.45 6.10
C THR C 58 5.51 2.94 6.11
N MET C 59 5.09 2.29 5.03
CA MET C 59 5.33 0.87 4.83
C MET C 59 5.56 0.61 3.35
N TYR C 60 6.73 0.07 3.01
CA TYR C 60 7.11 -0.13 1.63
C TYR C 60 7.13 -1.60 1.24
N ALA C 61 6.79 -1.89 -0.02
CA ALA C 61 6.88 -3.25 -0.54
C ALA C 61 8.33 -3.70 -0.55
N GLU C 62 8.55 -5.00 -0.44
CA GLU C 62 9.90 -5.55 -0.35
C GLU C 62 10.75 -5.24 -1.58
N LYS C 63 10.10 -5.06 -2.72
CA LYS C 63 10.83 -4.79 -3.96
C LYS C 63 11.43 -3.39 -4.01
N PHE C 64 10.63 -2.40 -3.62
CA PHE C 64 11.07 -1.00 -3.66
C PHE C 64 11.66 -0.58 -2.33
N ARG C 65 11.75 -1.51 -1.39
CA ARG C 65 12.25 -1.22 -0.05
C ARG C 65 13.76 -0.95 -0.06
N GLY C 66 14.13 0.31 -0.32
CA GLY C 66 15.53 0.68 -0.36
C GLY C 66 15.79 1.89 -1.24
N ARG C 67 14.92 2.13 -2.20
CA ARG C 67 15.08 3.25 -3.12
C ARG C 67 13.76 3.98 -3.36
N VAL C 68 12.84 3.87 -2.41
CA VAL C 68 11.56 4.56 -2.50
C VAL C 68 11.33 5.42 -1.25
N THR C 69 10.53 6.47 -1.41
CA THR C 69 10.23 7.37 -0.30
C THR C 69 8.86 8.03 -0.47
N ILE C 70 7.98 7.83 0.50
CA ILE C 70 6.65 8.41 0.45
C ILE C 70 6.45 9.43 1.57
N THR C 71 6.01 10.63 1.20
CA THR C 71 5.78 11.69 2.17
C THR C 71 4.40 12.31 1.97
N ALA C 72 3.98 13.13 2.93
CA ALA C 72 2.67 13.78 2.86
C ALA C 72 2.68 15.15 3.55
N ASP C 73 2.60 16.19 2.72
CA ASP C 73 2.56 17.56 3.24
C ASP C 73 1.15 17.95 3.64
N THR C 74 0.90 18.04 4.95
CA THR C 74 -0.42 18.36 5.46
C THR C 74 -0.73 19.85 5.36
N SER C 75 0.25 20.62 4.90
CA SER C 75 0.09 22.06 4.75
C SER C 75 -0.62 22.40 3.45
N THR C 76 -0.45 21.55 2.45
CA THR C 76 -1.06 21.76 1.14
C THR C 76 -1.92 20.58 0.73
N ASP C 77 -2.02 19.59 1.62
CA ASP C 77 -2.82 18.40 1.35
C ASP C 77 -2.37 17.69 0.09
N THR C 78 -1.08 17.38 0.00
CA THR C 78 -0.53 16.72 -1.17
C THR C 78 0.48 15.63 -0.77
N GLY C 79 0.31 14.45 -1.35
CA GLY C 79 1.22 13.35 -1.10
C GLY C 79 2.27 13.23 -2.18
N TYR C 80 3.48 12.82 -1.80
CA TYR C 80 4.58 12.70 -2.76
C TYR C 80 5.16 11.29 -2.78
N LEU C 81 5.61 10.88 -3.96
CA LEU C 81 6.29 9.59 -4.14
C LEU C 81 7.62 9.81 -4.85
N GLU C 82 8.67 9.19 -4.32
CA GLU C 82 10.00 9.36 -4.88
C GLU C 82 10.71 8.02 -5.07
N LEU C 83 11.10 7.74 -6.32
CA LEU C 83 11.83 6.52 -6.63
C LEU C 83 13.15 6.85 -7.31
N SER C 84 14.25 6.44 -6.68
CA SER C 84 15.58 6.75 -7.20
C SER C 84 16.18 5.56 -7.95
N SER C 85 17.32 5.78 -8.59
CA SER C 85 18.01 4.74 -9.34
C SER C 85 17.10 4.15 -10.41
N LEU C 86 16.34 5.01 -11.07
CA LEU C 86 15.38 4.59 -12.09
C LEU C 86 16.02 3.75 -13.18
N ARG C 87 15.30 2.74 -13.63
CA ARG C 87 15.75 1.88 -14.73
C ARG C 87 14.66 1.80 -15.78
N SER C 88 14.96 1.13 -16.89
CA SER C 88 13.99 0.95 -17.97
C SER C 88 12.82 0.10 -17.50
N GLU C 89 13.00 -0.60 -16.39
CA GLU C 89 11.99 -1.50 -15.85
C GLU C 89 10.97 -0.76 -14.99
N ASP C 90 11.27 0.49 -14.68
CA ASP C 90 10.41 1.30 -13.82
C ASP C 90 9.35 2.05 -14.62
N THR C 91 9.38 1.88 -15.94
CA THR C 91 8.41 2.52 -16.81
C THR C 91 7.01 1.96 -16.57
N ALA C 92 6.10 2.81 -16.12
CA ALA C 92 4.72 2.40 -15.85
C ALA C 92 3.86 3.57 -15.40
N VAL C 93 2.56 3.31 -15.25
CA VAL C 93 1.64 4.32 -14.76
C VAL C 93 1.47 4.20 -13.25
N TYR C 94 1.87 5.23 -12.52
CA TYR C 94 1.78 5.23 -11.07
C TYR C 94 0.49 5.87 -10.58
N TYR C 95 -0.19 5.21 -9.65
CA TYR C 95 -1.45 5.69 -9.11
C TYR C 95 -1.37 5.97 -7.62
N CYS C 96 -2.09 7.00 -7.18
CA CYS C 96 -2.23 7.28 -5.74
C CYS C 96 -3.67 7.04 -5.31
N ALA C 97 -3.87 6.13 -4.37
CA ALA C 97 -5.21 5.75 -3.94
C ALA C 97 -5.50 6.16 -2.50
N ALA C 98 -6.78 6.07 -2.11
CA ALA C 98 -7.20 6.41 -0.76
C ALA C 98 -8.46 5.64 -0.38
N ASP C 99 -8.89 5.79 0.87
CA ASP C 99 -10.08 5.11 1.36
C ASP C 99 -10.86 5.99 2.35
N PRO C 100 -11.55 7.02 1.83
CA PRO C 100 -12.30 7.98 2.62
C PRO C 100 -13.38 7.33 3.49
N TRP C 101 -14.00 6.27 2.98
CA TRP C 101 -15.05 5.58 3.71
C TRP C 101 -14.51 4.48 4.61
N GLU C 102 -13.19 4.31 4.60
CA GLU C 102 -12.53 3.33 5.46
C GLU C 102 -13.09 1.93 5.25
N LEU C 103 -12.88 1.40 4.05
CA LEU C 103 -13.37 0.06 3.71
C LEU C 103 -12.22 -0.93 3.62
N ASN C 104 -11.01 -0.45 3.87
CA ASN C 104 -9.80 -1.26 3.71
C ASN C 104 -9.60 -1.69 2.26
N ALA C 105 -9.87 -0.77 1.34
CA ALA C 105 -9.69 -1.01 -0.08
C ALA C 105 -9.53 0.32 -0.81
N PHE C 106 -8.99 0.27 -2.02
CA PHE C 106 -8.78 1.48 -2.80
C PHE C 106 -10.05 1.89 -3.54
N ASN C 107 -10.88 2.68 -2.86
CA ASN C 107 -12.16 3.10 -3.41
C ASN C 107 -12.02 4.26 -4.40
N VAL C 108 -11.04 5.12 -4.18
CA VAL C 108 -10.80 6.26 -5.06
C VAL C 108 -9.42 6.18 -5.70
N TRP C 109 -9.35 6.54 -6.98
CA TRP C 109 -8.10 6.47 -7.73
C TRP C 109 -7.80 7.77 -8.48
N GLY C 110 -6.52 8.08 -8.62
CA GLY C 110 -6.10 9.22 -9.41
C GLY C 110 -6.13 8.88 -10.89
N GLN C 111 -5.92 9.88 -11.74
CA GLN C 111 -5.93 9.66 -13.18
C GLN C 111 -4.69 8.91 -13.64
N GLY C 112 -3.68 8.87 -12.77
CA GLY C 112 -2.45 8.16 -13.06
C GLY C 112 -1.36 9.08 -13.58
N THR C 113 -0.12 8.63 -13.49
CA THR C 113 1.02 9.39 -13.98
C THR C 113 2.03 8.48 -14.70
N LEU C 114 2.09 8.60 -16.02
CA LEU C 114 3.00 7.79 -16.82
C LEU C 114 4.44 8.27 -16.69
N VAL C 115 5.31 7.40 -16.16
CA VAL C 115 6.72 7.72 -16.00
C VAL C 115 7.57 6.89 -16.96
N SER C 116 8.11 7.54 -17.98
CA SER C 116 8.91 6.87 -18.99
C SER C 116 10.40 6.99 -18.73
N VAL C 117 11.05 5.86 -18.48
CA VAL C 117 12.49 5.84 -18.23
C VAL C 117 13.22 5.19 -19.41
N SER C 118 14.15 5.94 -19.99
CA SER C 118 14.92 5.44 -21.12
C SER C 118 16.10 6.35 -21.45
N SER C 119 17.12 5.78 -22.07
CA SER C 119 18.30 6.54 -22.46
C SER C 119 18.01 7.38 -23.70
N ALA C 120 16.88 7.10 -24.34
CA ALA C 120 16.49 7.83 -25.55
C ALA C 120 15.80 9.13 -25.20
N SER C 121 16.17 10.21 -25.89
CA SER C 121 15.56 11.51 -25.68
C SER C 121 14.21 11.59 -26.40
N THR C 122 13.44 12.62 -26.07
CA THR C 122 12.13 12.82 -26.70
C THR C 122 12.29 12.99 -28.20
N LYS C 123 11.51 12.22 -28.97
CA LYS C 123 11.61 12.24 -30.43
C LYS C 123 10.27 11.92 -31.08
N GLY C 124 9.98 12.61 -32.17
CA GLY C 124 8.77 12.35 -32.95
C GLY C 124 8.94 11.12 -33.82
N PRO C 125 7.82 10.45 -34.13
CA PRO C 125 7.83 9.22 -34.92
C PRO C 125 8.01 9.47 -36.41
N SER C 126 8.27 8.39 -37.16
CA SER C 126 8.36 8.46 -38.61
C SER C 126 7.31 7.54 -39.22
N VAL C 127 6.39 8.11 -39.99
CA VAL C 127 5.30 7.34 -40.57
C VAL C 127 5.67 6.76 -41.94
N PHE C 128 5.44 5.47 -42.11
CA PHE C 128 5.75 4.78 -43.35
C PHE C 128 4.54 4.05 -43.90
N PRO C 129 4.30 4.20 -45.21
CA PRO C 129 3.15 3.59 -45.90
C PRO C 129 3.25 2.07 -46.00
N LEU C 130 2.11 1.40 -45.88
CA LEU C 130 2.04 -0.03 -46.12
C LEU C 130 1.18 -0.30 -47.37
N ALA C 131 1.77 -0.03 -48.53
CA ALA C 131 1.06 -0.12 -49.79
C ALA C 131 0.40 -1.48 -50.02
N PRO C 132 -0.84 -1.48 -50.50
CA PRO C 132 -1.58 -2.70 -50.84
C PRO C 132 -0.95 -3.37 -52.07
N SER C 133 -1.23 -4.66 -52.26
CA SER C 133 -0.68 -5.39 -53.39
C SER C 133 -1.30 -6.78 -53.49
N SER C 134 -0.85 -7.57 -54.45
CA SER C 134 -1.34 -8.92 -54.64
C SER C 134 -0.88 -9.81 -53.48
N LYS C 135 0.02 -9.29 -52.66
CA LYS C 135 0.55 -10.03 -51.52
C LYS C 135 -0.22 -9.67 -50.25
N SER C 136 -1.27 -8.87 -50.39
CA SER C 136 -2.05 -8.43 -49.25
C SER C 136 -3.54 -8.33 -49.57
N THR C 137 -3.97 -9.03 -50.61
CA THR C 137 -5.38 -9.04 -51.00
C THR C 137 -5.97 -10.45 -50.93
N SER C 138 -7.11 -10.57 -50.27
CA SER C 138 -7.77 -11.86 -50.11
C SER C 138 -9.16 -11.84 -50.76
N GLY C 139 -9.22 -12.34 -52.00
CA GLY C 139 -10.48 -12.39 -52.73
C GLY C 139 -10.98 -11.01 -53.10
N GLY C 140 -11.92 -10.50 -52.33
CA GLY C 140 -12.49 -9.19 -52.58
C GLY C 140 -12.01 -8.13 -51.60
N THR C 141 -11.22 -8.57 -50.62
CA THR C 141 -10.70 -7.66 -49.59
C THR C 141 -9.23 -7.31 -49.84
N ALA C 142 -8.82 -6.14 -49.36
CA ALA C 142 -7.44 -5.71 -49.50
C ALA C 142 -6.92 -5.22 -48.15
N ALA C 143 -5.61 -5.34 -47.94
CA ALA C 143 -5.00 -4.94 -46.68
C ALA C 143 -3.97 -3.83 -46.86
N LEU C 144 -4.15 -2.75 -46.09
CA LEU C 144 -3.23 -1.62 -46.12
C LEU C 144 -3.14 -0.99 -44.74
N GLY C 145 -2.19 -0.09 -44.55
CA GLY C 145 -2.02 0.59 -43.27
C GLY C 145 -0.81 1.49 -43.22
N CYS C 146 -0.48 1.95 -42.01
CA CYS C 146 0.64 2.85 -41.81
C CYS C 146 1.55 2.35 -40.69
N LEU C 147 2.84 2.67 -40.78
CA LEU C 147 3.81 2.23 -39.79
C LEU C 147 4.46 3.42 -39.07
N VAL C 148 4.17 3.56 -37.79
CA VAL C 148 4.77 4.61 -36.97
C VAL C 148 6.00 4.05 -36.25
N LYS C 149 7.18 4.53 -36.65
CA LYS C 149 8.43 3.96 -36.16
C LYS C 149 9.36 4.97 -35.49
N ASP C 150 10.10 4.51 -34.49
CA ASP C 150 11.11 5.31 -33.82
C ASP C 150 10.54 6.60 -33.21
N TYR C 151 9.78 6.46 -32.13
CA TYR C 151 9.27 7.62 -31.40
C TYR C 151 9.37 7.39 -29.89
N PHE C 152 9.38 8.49 -29.14
CA PHE C 152 9.48 8.40 -27.68
C PHE C 152 9.17 9.74 -27.03
N PRO C 153 8.39 9.71 -25.93
CA PRO C 153 7.81 8.48 -25.39
C PRO C 153 6.38 8.27 -25.88
N GLU C 154 5.61 7.47 -25.15
CA GLU C 154 4.20 7.26 -25.46
C GLU C 154 3.37 8.45 -24.96
N PRO C 155 2.10 8.53 -25.40
CA PRO C 155 1.51 7.57 -26.33
C PRO C 155 1.40 8.14 -27.74
N VAL C 156 0.69 7.41 -28.61
CA VAL C 156 0.46 7.86 -29.98
C VAL C 156 -0.94 7.47 -30.42
N THR C 157 -1.68 8.43 -30.95
CA THR C 157 -3.03 8.18 -31.45
C THR C 157 -3.00 8.09 -32.97
N VAL C 158 -3.88 7.25 -33.52
CA VAL C 158 -3.95 7.05 -34.97
C VAL C 158 -5.38 6.88 -35.46
N SER C 159 -5.75 7.67 -36.45
CA SER C 159 -7.08 7.57 -37.06
C SER C 159 -6.95 7.50 -38.57
N TRP C 160 -8.02 7.06 -39.24
CA TRP C 160 -8.03 6.94 -40.69
C TRP C 160 -9.10 7.82 -41.31
N ASN C 161 -8.68 8.70 -42.21
CA ASN C 161 -9.59 9.64 -42.87
C ASN C 161 -10.30 10.54 -41.87
N SER C 162 -9.59 10.90 -40.81
CA SER C 162 -10.13 11.80 -39.78
C SER C 162 -11.34 11.19 -39.06
N GLY C 163 -11.23 9.91 -38.72
CA GLY C 163 -12.29 9.23 -37.99
C GLY C 163 -13.45 8.80 -38.87
N ALA C 164 -13.32 9.06 -40.18
CA ALA C 164 -14.36 8.68 -41.13
C ALA C 164 -14.40 7.17 -41.33
N LEU C 165 -13.23 6.54 -41.28
CA LEU C 165 -13.13 5.09 -41.46
C LEU C 165 -12.83 4.41 -40.13
N THR C 166 -13.72 3.51 -39.71
CA THR C 166 -13.55 2.81 -38.45
C THR C 166 -13.66 1.30 -38.63
N SER C 167 -14.51 0.88 -39.56
CA SER C 167 -14.72 -0.53 -39.83
C SER C 167 -13.46 -1.20 -40.36
N GLY C 168 -13.09 -2.34 -39.78
CA GLY C 168 -11.95 -3.10 -40.22
C GLY C 168 -10.62 -2.45 -39.87
N VAL C 169 -10.67 -1.44 -39.02
CA VAL C 169 -9.47 -0.73 -38.60
C VAL C 169 -8.86 -1.35 -37.35
N HIS C 170 -7.62 -1.81 -37.45
CA HIS C 170 -6.92 -2.40 -36.32
C HIS C 170 -5.65 -1.64 -36.00
N THR C 171 -5.55 -1.13 -34.78
CA THR C 171 -4.34 -0.46 -34.31
C THR C 171 -3.69 -1.26 -33.20
N PHE C 172 -2.46 -1.71 -33.45
CA PHE C 172 -1.75 -2.55 -32.51
C PHE C 172 -1.04 -1.73 -31.45
N PRO C 173 -0.88 -2.30 -30.24
CA PRO C 173 -0.09 -1.68 -29.18
C PRO C 173 1.36 -1.49 -29.62
N ALA C 174 2.05 -0.53 -29.03
CA ALA C 174 3.43 -0.24 -29.41
C ALA C 174 4.39 -1.30 -28.88
N VAL C 175 5.61 -1.32 -29.44
CA VAL C 175 6.64 -2.25 -29.00
C VAL C 175 7.94 -1.52 -28.72
N LEU C 176 8.53 -1.79 -27.55
CA LEU C 176 9.77 -1.12 -27.16
C LEU C 176 10.99 -1.81 -27.76
N GLN C 177 11.68 -1.11 -28.66
CA GLN C 177 12.85 -1.64 -29.32
C GLN C 177 14.07 -1.57 -28.40
N SER C 178 15.12 -2.31 -28.76
CA SER C 178 16.34 -2.34 -27.98
C SER C 178 17.01 -0.96 -27.94
N SER C 179 16.64 -0.11 -28.90
CA SER C 179 17.21 1.23 -29.00
C SER C 179 16.56 2.19 -28.00
N GLY C 180 15.49 1.72 -27.34
CA GLY C 180 14.78 2.54 -26.38
C GLY C 180 13.69 3.37 -27.04
N LEU C 181 13.42 3.08 -28.31
CA LEU C 181 12.38 3.79 -29.05
C LEU C 181 11.17 2.89 -29.26
N TYR C 182 9.99 3.51 -29.37
CA TYR C 182 8.75 2.78 -29.58
C TYR C 182 8.38 2.71 -31.07
N SER C 183 7.53 1.77 -31.41
CA SER C 183 7.09 1.58 -32.79
C SER C 183 5.81 0.76 -32.84
N LEU C 184 4.83 1.23 -33.62
CA LEU C 184 3.56 0.54 -33.76
C LEU C 184 3.04 0.62 -35.19
N SER C 185 2.06 -0.22 -35.49
CA SER C 185 1.48 -0.26 -36.82
C SER C 185 -0.05 -0.29 -36.79
N SER C 186 -0.68 0.30 -37.80
CA SER C 186 -2.13 0.32 -37.90
C SER C 186 -2.56 -0.10 -39.31
N VAL C 187 -3.45 -1.08 -39.39
CA VAL C 187 -3.89 -1.59 -40.68
C VAL C 187 -5.41 -1.50 -40.85
N VAL C 188 -5.86 -1.62 -42.09
CA VAL C 188 -7.28 -1.58 -42.40
C VAL C 188 -7.61 -2.48 -43.58
N THR C 189 -8.71 -3.22 -43.46
CA THR C 189 -9.15 -4.10 -44.53
C THR C 189 -10.30 -3.45 -45.31
N VAL C 190 -10.09 -3.27 -46.61
CA VAL C 190 -11.09 -2.64 -47.46
C VAL C 190 -11.28 -3.38 -48.77
N PRO C 191 -12.41 -3.15 -49.45
CA PRO C 191 -12.72 -3.77 -50.74
C PRO C 191 -11.64 -3.48 -51.78
N SER C 192 -11.23 -4.51 -52.52
CA SER C 192 -10.18 -4.36 -53.51
C SER C 192 -10.66 -3.57 -54.73
N SER C 193 -11.97 -3.59 -54.97
CA SER C 193 -12.54 -2.91 -56.12
C SER C 193 -12.74 -1.42 -55.88
N SER C 194 -12.24 -0.94 -54.75
CA SER C 194 -12.37 0.47 -54.40
C SER C 194 -11.02 1.12 -54.14
N LEU C 195 -9.95 0.38 -54.45
CA LEU C 195 -8.59 0.86 -54.22
C LEU C 195 -8.20 1.93 -55.24
N GLY C 196 -8.70 1.78 -56.46
CA GLY C 196 -8.37 2.70 -57.54
C GLY C 196 -9.31 3.89 -57.62
N THR C 197 -10.13 4.07 -56.60
CA THR C 197 -11.09 5.17 -56.57
C THR C 197 -11.10 5.87 -55.22
N GLN C 198 -11.14 5.09 -54.15
CA GLN C 198 -11.18 5.64 -52.80
C GLN C 198 -9.77 5.96 -52.29
N THR C 199 -9.65 7.10 -51.62
CA THR C 199 -8.37 7.52 -51.05
C THR C 199 -8.27 7.14 -49.59
N TYR C 200 -7.09 6.67 -49.18
CA TYR C 200 -6.88 6.25 -47.79
C TYR C 200 -5.75 7.03 -47.15
N ILE C 201 -6.07 7.74 -46.07
CA ILE C 201 -5.09 8.55 -45.35
C ILE C 201 -5.14 8.26 -43.85
N CYS C 202 -3.99 7.93 -43.29
CA CYS C 202 -3.89 7.69 -41.85
C CYS C 202 -3.40 8.95 -41.15
N ASN C 203 -3.91 9.18 -39.94
CA ASN C 203 -3.54 10.37 -39.17
C ASN C 203 -2.82 10.01 -37.88
N VAL C 204 -1.54 10.36 -37.81
CA VAL C 204 -0.72 10.07 -36.64
C VAL C 204 -0.52 11.32 -35.79
N ASN C 205 -0.58 11.16 -34.47
CA ASN C 205 -0.43 12.27 -33.55
C ASN C 205 0.47 11.93 -32.37
N HIS C 206 1.47 12.78 -32.13
CA HIS C 206 2.39 12.61 -31.01
C HIS C 206 2.50 13.89 -30.22
N LYS C 207 1.76 13.96 -29.11
CA LYS C 207 1.67 15.18 -28.31
C LYS C 207 2.96 15.51 -27.57
N PRO C 208 3.59 14.50 -26.94
CA PRO C 208 4.82 14.70 -26.18
C PRO C 208 5.89 15.48 -26.97
N SER C 209 5.80 15.45 -28.29
CA SER C 209 6.76 16.13 -29.14
C SER C 209 6.08 17.09 -30.11
N ASN C 210 4.76 17.21 -29.99
CA ASN C 210 3.99 18.07 -30.88
C ASN C 210 4.20 17.71 -32.34
N THR C 211 4.02 16.43 -32.67
CA THR C 211 4.24 15.94 -34.01
C THR C 211 2.98 15.34 -34.61
N LYS C 212 2.38 16.05 -35.56
CA LYS C 212 1.23 15.54 -36.30
C LYS C 212 1.62 15.21 -37.74
N VAL C 213 1.21 14.04 -38.20
CA VAL C 213 1.55 13.59 -39.55
C VAL C 213 0.36 12.95 -40.25
N ASP C 214 0.06 13.43 -41.46
CA ASP C 214 -1.01 12.85 -42.26
C ASP C 214 -0.43 12.21 -43.53
N LYS C 215 -0.41 10.89 -43.54
CA LYS C 215 0.20 10.15 -44.65
C LYS C 215 -0.86 9.51 -45.54
N LYS C 216 -0.64 9.60 -46.85
CA LYS C 216 -1.55 9.01 -47.83
C LYS C 216 -0.98 7.69 -48.35
N VAL C 217 -1.74 6.61 -48.17
CA VAL C 217 -1.30 5.29 -48.62
C VAL C 217 -1.77 5.00 -50.03
N GLU C 218 -0.83 4.63 -50.91
CA GLU C 218 -1.17 4.31 -52.29
C GLU C 218 -0.57 2.97 -52.71
N PRO C 219 -1.25 2.27 -53.63
CA PRO C 219 -0.79 0.97 -54.14
C PRO C 219 0.60 1.07 -54.78
C1 NAG D . 15.08 7.25 51.10
C2 NAG D . 15.90 8.46 50.62
C3 NAG D . 17.38 8.30 50.92
C4 NAG D . 17.61 7.79 52.34
C5 NAG D . 16.74 6.59 52.63
C6 NAG D . 16.93 6.09 54.07
C7 NAG D . 15.03 9.74 48.75
C8 NAG D . 15.04 9.96 47.26
N2 NAG D . 15.68 8.67 49.20
O3 NAG D . 18.03 9.54 50.75
O4 NAG D . 18.98 7.45 52.51
O5 NAG D . 15.39 6.92 52.44
O6 NAG D . 16.46 7.06 54.97
O7 NAG D . 14.44 10.52 49.48
C1 NAG E . -9.07 -0.02 34.30
C2 NAG E . -9.25 -0.39 32.83
C3 NAG E . -10.73 -0.47 32.43
C4 NAG E . -11.50 -1.31 33.44
C5 NAG E . -11.24 -0.79 34.85
C6 NAG E . -12.01 -1.60 35.88
C7 NAG E . -7.71 0.17 31.05
C8 NAG E . -7.10 1.25 30.19
N2 NAG E . -8.57 0.57 31.98
O3 NAG E . -10.84 -1.05 31.15
O4 NAG E . -12.88 -1.23 33.16
O5 NAG E . -9.85 -0.85 35.13
O6 NAG E . -11.60 -2.95 35.79
O7 NAG E . -7.41 -1.01 30.88
C1 NAG F . 22.43 11.74 41.51
C2 NAG F . 23.61 10.94 42.07
C3 NAG F . 24.69 11.86 42.65
C4 NAG F . 25.03 12.97 41.66
C5 NAG F . 23.76 13.67 41.19
C6 NAG F . 24.09 14.75 40.16
C7 NAG F . 23.23 8.71 42.94
C8 NAG F . 23.62 8.22 41.58
N2 NAG F . 23.13 10.03 43.10
O3 NAG F . 25.84 11.09 42.93
O4 NAG F . 25.87 13.91 42.30
O5 NAG F . 22.88 12.74 40.61
O6 NAG F . 24.69 14.15 39.04
O7 NAG F . 23.01 7.91 43.86
C1 NAG G . -4.58 13.33 49.92
C2 NAG G . -5.20 13.13 51.30
C3 NAG G . -5.69 14.44 51.90
C4 NAG G . -4.62 15.53 51.77
C5 NAG G . -4.10 15.59 50.35
C6 NAG G . -2.99 16.63 50.24
C7 NAG G . -7.55 12.56 51.47
C8 NAG G . -8.13 12.05 52.75
N2 NAG G . -6.30 12.19 51.20
O3 NAG G . -5.99 14.25 53.26
O4 NAG G . -5.17 16.78 52.12
O5 NAG G . -3.59 14.34 49.95
O6 NAG G . -2.42 16.59 48.93
O7 NAG G . -8.20 13.28 50.72
C1 NAG H . -17.48 8.22 33.08
C2 NAG H . -18.05 7.55 34.33
C3 NAG H . -19.00 8.48 35.08
C4 NAG H . -18.38 9.84 35.27
C5 NAG H . -17.83 10.38 33.96
C6 NAG H . -17.14 11.73 34.17
C7 NAG H . -20.03 6.14 34.14
C8 NAG H . -20.42 5.13 35.17
N2 NAG H . -18.72 6.32 33.95
O3 NAG H . -19.31 7.92 36.33
O4 NAG H . -19.35 10.74 35.77
O5 NAG H . -16.91 9.48 33.39
O6 NAG H . -16.61 12.19 32.95
O7 NAG H . -20.88 6.77 33.53
C1 NAG I . -2.33 18.60 20.96
C2 NAG I . -1.62 18.62 19.61
C3 NAG I . -1.13 20.02 19.25
C4 NAG I . -2.23 21.05 19.46
C5 NAG I . -2.85 20.91 20.85
C6 NAG I . -3.97 21.90 21.06
C7 NAG I . -0.44 16.70 18.74
C8 NAG I . 0.80 15.85 18.76
N2 NAG I . -0.51 17.69 19.61
O3 NAG I . -0.72 20.05 17.89
O4 NAG I . -1.71 22.35 19.31
O5 NAG I . -3.33 19.59 21.03
O6 NAG I . -4.96 21.70 20.08
O7 NAG I . -1.34 16.46 17.94
C1 NAG J . -10.91 3.01 40.40
C2 NAG J . -11.52 3.28 41.78
C3 NAG J . -11.23 2.19 42.80
C4 NAG J . -11.38 0.81 42.18
C5 NAG J . -10.55 0.72 40.92
C6 NAG J . -10.61 -0.69 40.35
C7 NAG J . -11.90 5.39 42.92
C8 NAG J . -11.75 5.55 44.40
N2 NAG J . -11.06 4.56 42.31
O3 NAG J . -12.12 2.31 43.89
O4 NAG J . -10.95 -0.18 43.10
O5 NAG J . -11.05 1.66 40.00
O6 NAG J . -9.88 -0.76 39.15
O7 NAG J . -12.77 6.02 42.31
C2 0LY K . 1.58 1.55 24.16
C7 0LY K . 2.18 0.96 23.08
C6 0LY K . 3.53 1.19 22.83
C5 0LY K . 4.29 2.02 23.68
N8 0LY K . 5.68 2.22 23.38
C9 0LY K . 6.70 2.43 24.33
O23 0LY K . 6.51 2.48 25.53
C10 0LY K . 8.14 2.62 23.80
O22 0LY K . 8.37 2.59 22.58
N11 0LY K . 9.13 2.84 24.72
C12 0LY K . 10.55 3.03 24.43
C17 0LY K . 11.39 3.15 25.72
C16 0LY K . 12.93 3.20 25.44
C21 0LY K . 13.73 2.57 26.61
C20 0LY K . 13.39 4.66 25.34
N15 0LY K . 13.31 2.48 24.21
C14 0LY K . 12.45 1.33 23.89
C19 0LY K . 12.54 0.28 25.01
C18 0LY K . 12.98 0.66 22.63
C13 0LY K . 10.99 1.77 23.65
C4 0LY K . 3.64 2.61 24.78
C3 0LY K . 2.29 2.37 25.02
BR 0LY K . -0.29 1.24 24.51
H1 0LY K . 1.58 0.31 22.42
H2 0LY K . 3.98 0.69 21.96
H3 0LY K . 5.92 2.20 22.41
H4 0LY K . 8.88 2.86 25.72
H5 0LY K . 10.68 3.95 23.80
H6 0LY K . 11.08 4.02 26.33
H7 0LY K . 11.15 2.29 26.39
H8 0LY K . 14.63 2.03 26.26
H9 0LY K . 13.16 1.87 27.22
H10 0LY K . 14.11 3.32 27.31
H11 0LY K . 13.16 5.21 26.26
H12 0LY K . 14.47 4.75 25.18
H13 0LY K . 12.89 5.21 24.53
H14 0LY K . 13.38 3.11 23.41
H16 0LY K . 13.57 0.15 25.38
H17 0LY K . 11.92 0.51 25.88
H18 0LY K . 12.23 -0.72 24.68
H19 0LY K . 12.36 -0.20 22.34
H20 0LY K . 13.03 1.33 21.76
H21 0LY K . 14.00 0.26 22.77
H22 0LY K . 10.80 1.93 22.58
H23 0LY K . 10.32 0.92 23.90
H24 0LY K . 4.17 3.26 25.48
H25 0LY K . 1.79 2.83 25.88
#